data_1F3J
#
_entry.id   1F3J
#
_cell.length_a   109.540
_cell.length_b   109.540
_cell.length_c   176.360
_cell.angle_alpha   90.00
_cell.angle_beta   90.00
_cell.angle_gamma   90.00
#
_symmetry.space_group_name_H-M   'P 41 21 2'
#
loop_
_entity.id
_entity.type
_entity.pdbx_description
1 polymer 'H-2 CLASS II HISTOCOMPATIBILITY ANTIGEN'
2 polymer 'MHC CLASS II NOD'
3 polymer 'LYSOZYME C'
4 non-polymer 2-acetamido-2-deoxy-beta-D-glucopyranose
5 water water
#
loop_
_entity_poly.entity_id
_entity_poly.type
_entity_poly.pdbx_seq_one_letter_code
_entity_poly.pdbx_strand_id
1 'polypeptide(L)'
;IEADHVGFYGTTVYQSPGDIGQYTHEFDGDELFYVDLDKKKTVWRLPEFGQLILFEPQGGLQNIAAEKHNLGILTKRSNF
TPATNEAPQATVFPKSPVLLGQPNTLICFVDNIFPPVINITWLRNSKSVTDGVYETSFLVNRDHSFHKLSYLTFIPSDDD
IYDCKVEHWGLEEPVLKHWEPE
;
A,D
2 'polypeptide(L)'
;ERHFVHQFKGECYFTNGTQRIRLVTRYIYNREEYLRFDSDVGEYRAVTELGRHSAEYYNKQYLERTRAELDTACRHNYEE
TEVPTSLRRLEQPNVAISLSRTEALNHHNTLVCSVTDFYPAKIKVRWFRNGQEETVGVSSTQLIRNGDWTFQVLVMLEMT
PHQGEVYTCHVEHPSLKSPITVEWRAQ
;
B,E
3 'polypeptide(L)' AMKRHGLDNYRGYS P,Q
#
loop_
_chem_comp.id
_chem_comp.type
_chem_comp.name
_chem_comp.formula
NAG D-saccharide, beta linking 2-acetamido-2-deoxy-beta-D-glucopyranose 'C8 H15 N O6'
#
# COMPACT_ATOMS: atom_id res chain seq x y z
N ILE A 1 6.91 12.49 13.55
CA ILE A 1 5.81 13.51 13.59
C ILE A 1 4.73 13.31 12.51
N GLU A 2 3.46 13.49 12.87
CA GLU A 2 2.37 13.30 11.92
C GLU A 2 1.84 14.59 11.33
N ALA A 3 1.54 14.52 10.03
CA ALA A 3 1.00 15.68 9.33
C ALA A 3 0.68 15.34 7.89
N ASP A 4 -0.27 16.08 7.33
CA ASP A 4 -0.74 15.92 5.96
C ASP A 4 0.25 16.46 4.95
N HIS A 5 0.92 17.54 5.34
CA HIS A 5 1.90 18.18 4.49
C HIS A 5 3.01 18.72 5.34
N VAL A 6 4.21 18.75 4.80
CA VAL A 6 5.34 19.24 5.57
C VAL A 6 6.30 20.06 4.73
N GLY A 7 6.48 21.32 5.14
CA GLY A 7 7.37 22.21 4.43
C GLY A 7 8.65 22.56 5.15
N PHE A 8 9.77 22.43 4.46
CA PHE A 8 11.06 22.78 5.03
C PHE A 8 11.35 24.15 4.42
N TYR A 9 11.18 25.19 5.22
CA TYR A 9 11.39 26.54 4.73
C TYR A 9 12.61 27.31 5.20
N GLY A 10 13.75 27.12 4.53
CA GLY A 10 14.95 27.84 4.91
C GLY A 10 16.06 26.94 5.40
N THR A 11 15.85 25.64 5.24
CA THR A 11 16.81 24.63 5.63
C THR A 11 18.18 25.07 5.14
N THR A 12 19.03 25.54 6.06
CA THR A 12 20.36 26.03 5.73
C THR A 12 21.52 25.22 6.30
N VAL A 13 22.55 25.01 5.48
CA VAL A 13 23.72 24.25 5.90
C VAL A 13 25.03 24.96 5.58
N TYR A 14 25.98 24.90 6.51
CA TYR A 14 27.30 25.53 6.30
C TYR A 14 28.35 24.65 6.95
N GLN A 15 29.56 24.70 6.38
CA GLN A 15 30.67 23.89 6.90
C GLN A 15 32.02 24.40 6.44
N SER A 16 33.03 24.17 7.25
CA SER A 16 34.36 24.60 6.89
C SER A 16 35.36 23.63 7.52
N PRO A 17 36.60 23.64 7.03
CA PRO A 17 37.15 24.50 5.97
C PRO A 17 36.42 24.39 4.62
N GLY A 18 36.60 25.38 3.77
CA GLY A 18 35.95 25.38 2.47
C GLY A 18 34.88 26.44 2.31
N ASP A 19 34.33 26.89 3.46
CA ASP A 19 33.27 27.89 3.51
C ASP A 19 32.15 27.52 2.54
N ILE A 20 31.75 26.25 2.62
CA ILE A 20 30.70 25.70 1.77
C ILE A 20 29.32 25.69 2.39
N GLY A 21 28.41 26.45 1.78
CA GLY A 21 27.05 26.53 2.29
C GLY A 21 25.91 26.21 1.34
N GLN A 22 24.73 26.01 1.92
CA GLN A 22 23.52 25.67 1.16
C GLN A 22 22.25 26.18 1.88
N TYR A 23 21.30 26.62 1.07
CA TYR A 23 20.02 27.13 1.54
C TYR A 23 18.95 26.56 0.59
N THR A 24 17.95 25.85 1.11
CA THR A 24 16.92 25.28 0.24
C THR A 24 15.55 25.22 0.88
N HIS A 25 14.52 25.06 0.05
CA HIS A 25 13.15 24.92 0.54
C HIS A 25 12.51 23.68 -0.09
N GLU A 26 11.97 22.81 0.74
CA GLU A 26 11.33 21.60 0.25
C GLU A 26 9.92 21.48 0.78
N PHE A 27 9.03 20.99 -0.05
CA PHE A 27 7.67 20.80 0.37
C PHE A 27 7.35 19.36 0.14
N ASP A 28 6.64 18.80 1.10
CA ASP A 28 6.24 17.41 1.05
C ASP A 28 7.33 16.52 0.54
N GLY A 29 8.55 16.89 0.95
CA GLY A 29 9.74 16.12 0.62
C GLY A 29 10.49 16.39 -0.64
N ASP A 30 10.09 17.38 -1.42
CA ASP A 30 10.78 17.66 -2.66
C ASP A 30 11.48 18.99 -2.71
N GLU A 31 12.49 19.08 -3.55
CA GLU A 31 13.22 20.32 -3.64
C GLU A 31 12.41 21.36 -4.38
N LEU A 32 11.84 22.31 -3.64
CA LEU A 32 11.12 23.35 -4.35
C LEU A 32 12.16 24.03 -5.21
N PHE A 33 13.23 24.49 -4.57
CA PHE A 33 14.32 25.16 -5.25
C PHE A 33 15.46 25.30 -4.25
N TYR A 34 16.55 25.93 -4.69
CA TYR A 34 17.69 26.19 -3.81
C TYR A 34 18.17 27.60 -4.15
N VAL A 35 19.20 28.06 -3.47
CA VAL A 35 19.71 29.40 -3.74
C VAL A 35 21.18 29.41 -4.16
N ASP A 36 21.45 29.89 -5.37
CA ASP A 36 22.81 29.96 -5.87
C ASP A 36 23.52 31.13 -5.21
N LEU A 37 24.36 30.82 -4.24
CA LEU A 37 25.11 31.81 -3.48
C LEU A 37 26.03 32.74 -4.28
N ASP A 38 26.46 32.31 -5.46
CA ASP A 38 27.34 33.14 -6.27
C ASP A 38 26.45 34.07 -7.07
N LYS A 39 25.93 33.55 -8.17
CA LYS A 39 25.03 34.32 -9.02
C LYS A 39 23.88 34.89 -8.21
N LYS A 40 23.88 34.59 -6.91
CA LYS A 40 22.87 35.07 -5.95
C LYS A 40 21.43 35.16 -6.44
N LYS A 41 20.84 34.02 -6.84
CA LYS A 41 19.46 34.01 -7.33
C LYS A 41 18.68 32.76 -6.87
N THR A 42 17.37 32.74 -7.15
CA THR A 42 16.50 31.62 -6.79
C THR A 42 16.55 30.61 -7.94
N VAL A 43 17.00 29.38 -7.66
CA VAL A 43 17.09 28.33 -8.68
C VAL A 43 16.17 27.16 -8.34
N TRP A 44 15.13 26.97 -9.15
CA TRP A 44 14.15 25.92 -8.90
C TRP A 44 14.50 24.52 -9.36
N ARG A 45 13.63 23.60 -9.05
CA ARG A 45 13.84 22.22 -9.43
C ARG A 45 13.19 21.98 -10.78
N LEU A 46 12.13 22.72 -11.03
CA LEU A 46 11.41 22.61 -12.27
C LEU A 46 11.13 23.99 -12.86
N PRO A 47 11.17 24.10 -14.19
CA PRO A 47 10.93 25.34 -14.92
C PRO A 47 9.59 25.88 -14.47
N GLU A 48 8.58 25.11 -14.83
CA GLU A 48 7.19 25.39 -14.52
C GLU A 48 6.90 26.01 -13.15
N PHE A 49 7.93 26.11 -12.31
CA PHE A 49 7.75 26.61 -10.96
C PHE A 49 7.54 28.09 -10.71
N GLY A 50 8.58 28.73 -10.20
CA GLY A 50 8.55 30.13 -9.86
C GLY A 50 8.14 31.07 -10.97
N GLN A 51 7.35 30.58 -11.91
CA GLN A 51 6.90 31.44 -12.99
C GLN A 51 5.63 32.14 -12.52
N LEU A 52 5.72 32.80 -11.36
CA LEU A 52 4.59 33.52 -10.79
C LEU A 52 4.87 33.91 -9.36
N ILE A 53 4.99 32.93 -8.47
CA ILE A 53 5.26 33.21 -7.06
C ILE A 53 6.74 33.04 -6.78
N LEU A 54 7.46 34.14 -6.64
CA LEU A 54 8.90 34.05 -6.43
C LEU A 54 9.39 34.14 -4.99
N PHE A 55 10.71 34.04 -4.86
CA PHE A 55 11.36 34.10 -3.57
C PHE A 55 12.55 35.05 -3.61
N GLU A 56 12.60 35.96 -2.63
CA GLU A 56 13.69 36.93 -2.53
C GLU A 56 14.95 36.21 -2.06
N PRO A 57 15.86 35.92 -3.00
CA PRO A 57 17.13 35.23 -2.79
C PRO A 57 17.98 35.77 -1.66
N GLN A 58 17.86 37.06 -1.38
CA GLN A 58 18.62 37.61 -0.29
C GLN A 58 18.28 36.83 0.97
N GLY A 59 16.98 36.70 1.25
CA GLY A 59 16.51 35.96 2.41
C GLY A 59 17.35 34.74 2.75
N GLY A 60 17.90 34.10 1.73
CA GLY A 60 18.73 32.94 1.97
C GLY A 60 20.09 33.38 2.46
N LEU A 61 20.75 34.21 1.66
CA LEU A 61 22.07 34.72 2.01
C LEU A 61 22.11 35.08 3.50
N GLN A 62 20.95 35.46 4.01
CA GLN A 62 20.80 35.89 5.40
C GLN A 62 20.80 34.75 6.41
N ASN A 63 20.54 33.54 5.94
CA ASN A 63 20.58 32.39 6.82
C ASN A 63 21.92 31.71 6.70
N ILE A 64 22.52 31.83 5.54
CA ILE A 64 23.83 31.26 5.33
C ILE A 64 24.74 32.09 6.22
N ALA A 65 24.51 33.39 6.22
CA ALA A 65 25.32 34.31 7.02
C ALA A 65 25.22 33.95 8.50
N ALA A 66 23.98 33.92 8.99
CA ALA A 66 23.72 33.56 10.36
C ALA A 66 24.44 32.26 10.69
N GLU A 67 24.32 31.29 9.80
CA GLU A 67 24.93 30.00 10.00
C GLU A 67 26.46 30.05 10.05
N LYS A 68 27.09 30.81 9.17
CA LYS A 68 28.54 30.90 9.18
C LYS A 68 28.92 31.21 10.62
N HIS A 69 28.17 32.16 11.17
CA HIS A 69 28.31 32.61 12.54
C HIS A 69 28.15 31.42 13.49
N ASN A 70 26.89 31.01 13.65
CA ASN A 70 26.54 29.89 14.51
C ASN A 70 27.52 28.75 14.32
N LEU A 71 28.06 28.61 13.12
CA LEU A 71 29.00 27.53 12.88
C LEU A 71 30.20 27.74 13.79
N GLY A 72 30.95 28.80 13.54
CA GLY A 72 32.13 29.06 14.35
C GLY A 72 31.88 28.85 15.83
N ILE A 73 31.01 29.69 16.37
CA ILE A 73 30.64 29.65 17.77
C ILE A 73 30.53 28.23 18.31
N LEU A 74 29.84 27.38 17.56
CA LEU A 74 29.68 26.01 18.01
C LEU A 74 30.96 25.20 17.91
N THR A 75 31.69 25.38 16.83
CA THR A 75 32.93 24.65 16.68
C THR A 75 33.72 24.78 17.96
N LYS A 76 34.03 26.00 18.32
CA LYS A 76 34.79 26.31 19.52
C LYS A 76 34.14 25.68 20.75
N ARG A 77 32.91 26.10 21.04
CA ARG A 77 32.19 25.59 22.19
C ARG A 77 32.23 24.06 22.34
N SER A 78 32.24 23.33 21.23
CA SER A 78 32.27 21.87 21.29
C SER A 78 33.68 21.33 21.46
N ASN A 79 34.65 22.24 21.61
CA ASN A 79 36.04 21.88 21.76
C ASN A 79 36.59 21.32 20.44
N PHE A 80 36.41 22.09 19.38
CA PHE A 80 36.86 21.74 18.03
C PHE A 80 36.59 20.28 17.70
N THR A 81 35.39 19.81 18.06
CA THR A 81 34.98 18.44 17.81
C THR A 81 34.54 18.31 16.35
N PRO A 82 35.19 17.42 15.59
CA PRO A 82 34.97 17.10 14.16
C PRO A 82 33.77 16.21 13.87
N ALA A 83 33.17 16.40 12.70
CA ALA A 83 32.03 15.60 12.30
C ALA A 83 32.55 14.27 11.75
N THR A 84 31.80 13.19 11.98
CA THR A 84 32.18 11.84 11.54
C THR A 84 31.61 11.48 10.17
N ASN A 85 32.49 11.12 9.25
CA ASN A 85 32.07 10.75 7.92
C ASN A 85 31.12 9.54 7.99
N GLU A 86 30.47 9.23 6.88
CA GLU A 86 29.55 8.09 6.83
C GLU A 86 29.73 7.40 5.49
N ALA A 87 29.14 6.22 5.34
CA ALA A 87 29.23 5.48 4.08
C ALA A 87 28.00 5.71 3.21
N PRO A 88 28.08 6.65 2.26
CA PRO A 88 26.94 6.92 1.39
C PRO A 88 26.51 5.63 0.70
N GLN A 89 25.22 5.45 0.51
CA GLN A 89 24.77 4.26 -0.15
C GLN A 89 23.94 4.64 -1.35
N ALA A 90 24.41 4.26 -2.54
CA ALA A 90 23.68 4.58 -3.76
C ALA A 90 22.86 3.41 -4.28
N THR A 91 21.92 3.73 -5.17
CA THR A 91 21.07 2.72 -5.79
C THR A 91 20.65 3.29 -7.14
N VAL A 92 20.58 2.43 -8.14
CA VAL A 92 20.22 2.86 -9.49
C VAL A 92 18.93 2.28 -10.05
N PHE A 93 18.18 3.13 -10.75
CA PHE A 93 16.91 2.71 -11.34
C PHE A 93 16.45 3.72 -12.43
N PRO A 94 15.61 3.27 -13.38
CA PRO A 94 15.12 4.13 -14.46
C PRO A 94 13.86 4.90 -14.14
N LYS A 95 13.82 6.13 -14.66
CA LYS A 95 12.68 7.02 -14.49
C LYS A 95 11.46 6.32 -15.08
N SER A 96 11.60 5.85 -16.32
CA SER A 96 10.52 5.16 -17.00
C SER A 96 10.97 3.78 -17.46
N PRO A 97 10.04 2.94 -17.92
CA PRO A 97 10.37 1.59 -18.39
C PRO A 97 11.52 1.59 -19.36
N VAL A 98 12.18 0.44 -19.47
CA VAL A 98 13.30 0.33 -20.37
C VAL A 98 12.92 -0.15 -21.75
N LEU A 99 13.06 0.74 -22.72
CA LEU A 99 12.77 0.39 -24.10
C LEU A 99 13.88 0.90 -24.98
N LEU A 100 14.52 -0.02 -25.68
CA LEU A 100 15.62 0.33 -26.56
C LEU A 100 15.24 1.50 -27.50
N GLY A 101 16.17 2.42 -27.67
CA GLY A 101 15.93 3.55 -28.54
C GLY A 101 15.02 4.60 -27.93
N GLN A 102 14.25 4.21 -26.93
CA GLN A 102 13.35 5.14 -26.28
C GLN A 102 14.09 5.89 -25.18
N PRO A 103 14.07 7.24 -25.25
CA PRO A 103 14.76 8.05 -24.23
C PRO A 103 14.34 7.60 -22.82
N ASN A 104 15.09 8.03 -21.82
CA ASN A 104 14.81 7.63 -20.46
C ASN A 104 15.91 8.31 -19.68
N THR A 105 15.82 8.26 -18.36
CA THR A 105 16.82 8.88 -17.52
C THR A 105 17.31 7.85 -16.54
N LEU A 106 18.60 7.82 -16.29
CA LEU A 106 19.08 6.84 -15.36
C LEU A 106 19.14 7.59 -14.04
N ILE A 107 18.79 6.91 -12.95
CA ILE A 107 18.85 7.60 -11.70
C ILE A 107 19.66 6.92 -10.65
N CYS A 108 20.51 7.70 -10.00
CA CYS A 108 21.35 7.20 -8.94
C CYS A 108 20.89 7.87 -7.66
N PHE A 109 20.41 7.08 -6.72
CA PHE A 109 19.93 7.60 -5.45
C PHE A 109 20.97 7.32 -4.40
N VAL A 110 21.70 8.35 -3.99
CA VAL A 110 22.71 8.14 -2.97
C VAL A 110 22.16 8.67 -1.69
N ASP A 111 22.13 7.82 -0.68
CA ASP A 111 21.61 8.18 0.62
C ASP A 111 22.74 8.22 1.64
N ASN A 112 22.38 8.44 2.91
CA ASN A 112 23.35 8.49 4.01
C ASN A 112 24.61 9.30 3.75
N ILE A 113 24.50 10.34 2.95
CA ILE A 113 25.66 11.15 2.69
C ILE A 113 25.88 12.01 3.92
N PHE A 114 27.14 12.42 4.13
CA PHE A 114 27.57 13.26 5.24
C PHE A 114 29.00 12.96 5.67
N PRO A 115 29.82 14.00 5.82
CA PRO A 115 29.46 15.39 5.60
C PRO A 115 28.94 15.68 4.19
N PRO A 116 28.06 16.68 4.05
CA PRO A 116 27.46 17.08 2.78
C PRO A 116 28.45 17.49 1.71
N VAL A 117 29.38 16.59 1.42
CA VAL A 117 30.38 16.80 0.39
C VAL A 117 30.68 15.45 -0.22
N ILE A 118 30.17 15.27 -1.42
CA ILE A 118 30.35 14.04 -2.14
C ILE A 118 30.56 14.35 -3.63
N ASN A 119 30.99 13.34 -4.38
CA ASN A 119 31.26 13.45 -5.82
C ASN A 119 30.62 12.33 -6.62
N ILE A 120 29.44 12.58 -7.18
CA ILE A 120 28.77 11.56 -7.98
C ILE A 120 29.01 11.81 -9.45
N THR A 121 29.27 10.72 -10.16
CA THR A 121 29.51 10.76 -11.59
C THR A 121 28.96 9.51 -12.28
N TRP A 122 28.64 9.62 -13.55
CA TRP A 122 28.12 8.48 -14.26
C TRP A 122 29.20 7.82 -15.09
N LEU A 123 28.88 6.65 -15.62
CA LEU A 123 29.81 5.88 -16.41
C LEU A 123 29.18 4.90 -17.38
N ARG A 124 29.43 5.08 -18.67
CA ARG A 124 28.92 4.13 -19.63
C ARG A 124 30.14 3.32 -20.09
N ASN A 125 29.94 2.02 -20.26
CA ASN A 125 31.01 1.14 -20.68
C ASN A 125 32.33 1.51 -20.02
N SER A 126 32.30 1.50 -18.69
CA SER A 126 33.45 1.79 -17.87
C SER A 126 34.17 3.09 -18.23
N LYS A 127 33.48 3.94 -19.00
CA LYS A 127 34.04 5.23 -19.36
C LYS A 127 33.12 6.32 -18.84
N SER A 128 33.73 7.38 -18.32
CA SER A 128 32.99 8.50 -17.75
C SER A 128 32.21 9.24 -18.82
N VAL A 129 31.09 9.83 -18.43
CA VAL A 129 30.23 10.56 -19.35
C VAL A 129 29.80 11.91 -18.79
N THR A 130 29.53 12.86 -19.68
CA THR A 130 29.09 14.19 -19.27
C THR A 130 27.97 14.73 -20.16
N ASP A 131 27.02 15.39 -19.50
CA ASP A 131 25.82 15.98 -20.08
C ASP A 131 24.71 14.94 -20.12
N GLY A 132 23.48 15.41 -19.89
CA GLY A 132 22.37 14.51 -19.81
C GLY A 132 22.39 14.17 -18.34
N VAL A 133 23.26 14.92 -17.65
CA VAL A 133 23.48 14.77 -16.21
C VAL A 133 23.05 15.98 -15.37
N TYR A 134 22.09 15.73 -14.47
CA TYR A 134 21.58 16.74 -13.55
C TYR A 134 21.77 16.25 -12.13
N GLU A 135 21.94 17.20 -11.20
CA GLU A 135 22.16 16.85 -9.80
C GLU A 135 21.32 17.69 -8.85
N THR A 136 20.67 17.01 -7.91
CA THR A 136 19.84 17.69 -6.92
C THR A 136 20.70 18.21 -5.78
N SER A 137 20.31 19.32 -5.19
CA SER A 137 21.08 19.85 -4.07
C SER A 137 21.05 18.80 -2.95
N PHE A 138 22.00 18.87 -2.03
CA PHE A 138 22.02 17.93 -0.92
C PHE A 138 20.69 18.02 -0.24
N LEU A 139 20.15 16.89 0.17
CA LEU A 139 18.86 16.94 0.81
C LEU A 139 18.88 16.31 2.17
N VAL A 140 18.20 16.95 3.10
CA VAL A 140 18.18 16.50 4.47
C VAL A 140 17.45 15.22 4.74
N ASN A 141 18.11 14.42 5.58
CA ASN A 141 17.58 13.16 6.01
C ASN A 141 17.28 13.36 7.46
N ARG A 142 16.21 12.72 7.93
CA ARG A 142 15.78 12.81 9.31
C ARG A 142 16.93 12.79 10.33
N ASP A 143 17.83 11.83 10.17
CA ASP A 143 18.98 11.69 11.05
C ASP A 143 20.07 12.65 10.59
N HIS A 144 19.68 13.85 10.23
CA HIS A 144 20.61 14.89 9.79
C HIS A 144 21.75 14.46 8.91
N SER A 145 21.49 13.46 8.09
CA SER A 145 22.44 12.97 7.12
C SER A 145 21.90 13.57 5.80
N PHE A 146 22.43 13.11 4.67
CA PHE A 146 21.98 13.64 3.38
C PHE A 146 21.80 12.62 2.26
N HIS A 147 20.97 13.01 1.29
CA HIS A 147 20.73 12.20 0.13
C HIS A 147 20.65 13.17 -1.04
N LYS A 148 21.08 12.71 -2.22
CA LYS A 148 21.12 13.51 -3.45
C LYS A 148 20.77 12.51 -4.55
N LEU A 149 20.57 13.02 -5.77
CA LEU A 149 20.24 12.18 -6.92
C LEU A 149 20.87 12.70 -8.20
N SER A 150 21.38 11.77 -9.00
CA SER A 150 21.98 12.12 -10.27
C SER A 150 21.18 11.45 -11.35
N TYR A 151 20.79 12.26 -12.32
CA TYR A 151 20.00 11.80 -13.43
C TYR A 151 20.86 11.79 -14.70
N LEU A 152 20.81 10.70 -15.45
CA LEU A 152 21.55 10.61 -16.70
C LEU A 152 20.55 10.35 -17.80
N THR A 153 20.25 11.36 -18.63
CA THR A 153 19.30 11.18 -19.73
C THR A 153 20.07 10.45 -20.77
N PHE A 154 19.47 9.41 -21.32
CA PHE A 154 20.16 8.61 -22.30
C PHE A 154 19.19 7.79 -23.13
N ILE A 155 19.75 6.75 -23.74
CA ILE A 155 18.99 5.83 -24.56
C ILE A 155 19.49 4.43 -24.45
N PRO A 156 18.59 3.50 -24.16
CA PRO A 156 18.93 2.10 -24.03
C PRO A 156 19.66 1.62 -25.26
N SER A 157 20.42 0.57 -25.07
CA SER A 157 21.19 0.01 -26.14
C SER A 157 21.39 -1.43 -25.76
N ASP A 158 21.12 -2.31 -26.71
CA ASP A 158 21.27 -3.72 -26.51
C ASP A 158 22.60 -4.04 -25.83
N ASP A 159 23.65 -3.35 -26.26
CA ASP A 159 24.99 -3.54 -25.71
C ASP A 159 25.23 -2.72 -24.44
N ASP A 160 25.46 -1.41 -24.62
CA ASP A 160 25.72 -0.46 -23.52
C ASP A 160 25.58 -0.94 -22.05
N ILE A 161 26.47 -0.44 -21.18
CA ILE A 161 26.44 -0.73 -19.73
C ILE A 161 26.76 0.56 -18.96
N TYR A 162 26.04 0.81 -17.85
CA TYR A 162 26.26 2.04 -17.09
C TYR A 162 26.54 1.81 -15.59
N ASP A 163 27.32 2.70 -14.99
CA ASP A 163 27.66 2.61 -13.57
C ASP A 163 27.60 3.99 -12.91
N CYS A 164 27.15 4.02 -11.65
CA CYS A 164 27.07 5.28 -10.91
C CYS A 164 28.25 5.38 -9.95
N LYS A 165 29.20 6.26 -10.27
CA LYS A 165 30.39 6.44 -9.44
C LYS A 165 30.19 7.39 -8.26
N VAL A 166 30.36 6.84 -7.06
CA VAL A 166 30.20 7.59 -5.83
C VAL A 166 31.50 7.70 -5.00
N GLU A 167 31.97 8.93 -4.85
CA GLU A 167 33.18 9.22 -4.10
C GLU A 167 32.83 10.00 -2.82
N HIS A 168 33.49 9.70 -1.72
CA HIS A 168 33.22 10.41 -0.49
C HIS A 168 34.33 10.08 0.50
N TRP A 169 34.61 10.98 1.43
CA TRP A 169 35.65 10.76 2.41
C TRP A 169 35.23 9.60 3.27
N GLY A 170 33.97 9.20 3.12
CA GLY A 170 33.43 8.10 3.89
C GLY A 170 33.59 6.75 3.24
N LEU A 171 34.42 6.72 2.18
CA LEU A 171 34.67 5.49 1.44
C LEU A 171 36.15 5.40 1.04
N GLU A 172 36.84 4.38 1.56
CA GLU A 172 38.25 4.18 1.25
C GLU A 172 38.45 4.24 -0.26
N GLU A 173 37.71 3.39 -0.96
CA GLU A 173 37.77 3.32 -2.40
C GLU A 173 36.35 3.45 -2.94
N PRO A 174 36.19 4.25 -3.99
CA PRO A 174 34.92 4.53 -4.65
C PRO A 174 33.92 3.35 -4.73
N VAL A 175 32.64 3.68 -4.64
CA VAL A 175 31.56 2.69 -4.71
C VAL A 175 31.02 2.75 -6.13
N LEU A 176 30.55 1.63 -6.67
CA LEU A 176 30.04 1.64 -8.02
C LEU A 176 28.80 0.80 -8.21
N LYS A 177 27.68 1.48 -8.40
CA LYS A 177 26.44 0.76 -8.63
C LYS A 177 26.36 0.51 -10.13
N HIS A 178 26.24 -0.76 -10.49
CA HIS A 178 26.15 -1.11 -11.88
C HIS A 178 24.69 -1.23 -12.29
N TRP A 179 24.45 -1.10 -13.59
CA TRP A 179 23.11 -1.19 -14.11
C TRP A 179 23.12 -1.29 -15.62
N GLU A 180 22.27 -2.15 -16.14
CA GLU A 180 22.11 -2.34 -17.56
C GLU A 180 20.76 -3.01 -17.81
N PRO A 181 20.24 -2.86 -19.03
CA PRO A 181 18.95 -3.45 -19.41
C PRO A 181 19.02 -4.97 -19.59
N GLU A 182 18.05 -5.67 -19.00
CA GLU A 182 18.02 -7.13 -19.13
C GLU A 182 17.87 -7.47 -20.61
N GLU B 1 41.32 13.75 7.49
CA GLU B 1 41.02 15.17 7.19
C GLU B 1 40.03 15.79 8.20
N ARG B 2 40.35 16.98 8.70
CA ARG B 2 39.51 17.68 9.67
C ARG B 2 38.34 18.45 9.05
N HIS B 3 37.15 18.26 9.59
CA HIS B 3 35.99 18.97 9.06
C HIS B 3 34.97 19.28 10.13
N PHE B 4 34.25 20.39 9.95
CA PHE B 4 33.21 20.85 10.89
C PHE B 4 31.96 21.32 10.14
N VAL B 5 30.80 20.90 10.62
CA VAL B 5 29.51 21.23 10.01
C VAL B 5 28.43 21.68 10.98
N HIS B 6 27.60 22.60 10.52
CA HIS B 6 26.48 23.08 11.34
C HIS B 6 25.29 23.22 10.41
N GLN B 7 24.11 22.83 10.89
CA GLN B 7 22.91 22.92 10.07
C GLN B 7 21.81 23.65 10.80
N PHE B 8 20.83 24.11 10.05
CA PHE B 8 19.67 24.77 10.61
C PHE B 8 18.46 24.29 9.84
N LYS B 9 17.51 23.69 10.54
CA LYS B 9 16.32 23.21 9.86
C LYS B 9 15.04 23.90 10.33
N GLY B 10 14.25 24.35 9.37
CA GLY B 10 12.99 25.01 9.68
C GLY B 10 11.86 24.22 9.08
N GLU B 11 11.05 23.60 9.94
CA GLU B 11 9.95 22.76 9.46
C GLU B 11 8.54 23.24 9.84
N CYS B 12 7.62 23.20 8.88
CA CYS B 12 6.20 23.58 9.08
C CYS B 12 5.29 22.35 8.90
N TYR B 13 4.54 21.99 9.94
CA TYR B 13 3.65 20.82 9.85
C TYR B 13 2.19 21.19 9.78
N PHE B 14 1.52 20.64 8.77
CA PHE B 14 0.11 20.94 8.56
C PHE B 14 -0.79 19.70 8.50
N THR B 15 -1.86 19.73 9.27
CA THR B 15 -2.83 18.64 9.29
C THR B 15 -4.20 19.25 8.95
N ASN B 16 -4.91 18.65 8.00
CA ASN B 16 -6.22 19.15 7.56
C ASN B 16 -6.08 20.61 7.11
N GLY B 17 -5.43 20.82 5.98
CA GLY B 17 -5.23 22.18 5.51
C GLY B 17 -4.40 22.95 6.52
N THR B 18 -4.85 24.15 6.92
CA THR B 18 -4.11 24.97 7.89
C THR B 18 -4.84 25.01 9.23
N GLN B 19 -5.84 24.16 9.38
CA GLN B 19 -6.58 24.14 10.63
C GLN B 19 -5.82 23.34 11.70
N ARG B 20 -4.50 23.49 11.70
CA ARG B 20 -3.59 22.83 12.66
C ARG B 20 -2.16 22.93 12.14
N ILE B 21 -1.42 23.95 12.60
CA ILE B 21 -0.05 24.17 12.17
C ILE B 21 0.94 24.04 13.31
N ARG B 22 2.03 23.35 13.01
CA ARG B 22 3.06 23.17 14.00
C ARG B 22 4.35 23.59 13.35
N LEU B 23 5.17 24.29 14.12
CA LEU B 23 6.45 24.78 13.68
C LEU B 23 7.57 24.32 14.56
N VAL B 24 8.61 23.80 13.91
CA VAL B 24 9.80 23.30 14.58
C VAL B 24 11.05 23.73 13.83
N THR B 25 12.01 24.25 14.59
CA THR B 25 13.26 24.69 14.02
C THR B 25 14.29 23.99 14.84
N ARG B 26 15.35 23.51 14.19
CA ARG B 26 16.41 22.83 14.91
C ARG B 26 17.74 23.47 14.52
N TYR B 27 18.62 23.57 15.49
CA TYR B 27 19.94 24.11 15.29
C TYR B 27 20.82 22.92 15.58
N ILE B 28 21.59 22.52 14.56
CA ILE B 28 22.44 21.34 14.64
C ILE B 28 23.92 21.53 14.40
N TYR B 29 24.75 20.90 15.24
CA TYR B 29 26.19 20.94 15.07
C TYR B 29 26.56 19.54 14.59
N ASN B 30 27.15 19.45 13.40
CA ASN B 30 27.48 18.15 12.85
C ASN B 30 26.13 17.44 12.78
N ARG B 31 25.91 16.45 13.62
CA ARG B 31 24.64 15.72 13.62
C ARG B 31 23.99 15.76 14.96
N GLU B 32 24.29 16.80 15.73
CA GLU B 32 23.76 16.97 17.07
C GLU B 32 22.80 18.15 17.18
N GLU B 33 21.53 17.86 17.40
CA GLU B 33 20.53 18.91 17.56
C GLU B 33 20.57 19.32 19.01
N TYR B 34 21.11 20.52 19.27
CA TYR B 34 21.25 21.00 20.63
C TYR B 34 20.15 21.92 21.13
N LEU B 35 19.66 22.77 20.23
CA LEU B 35 18.60 23.74 20.54
C LEU B 35 17.37 23.43 19.67
N ARG B 36 16.17 23.85 20.10
CA ARG B 36 14.97 23.60 19.31
C ARG B 36 13.74 24.42 19.72
N PHE B 37 12.92 24.74 18.73
CA PHE B 37 11.71 25.49 18.96
C PHE B 37 10.53 24.71 18.42
N ASP B 38 9.53 24.51 19.27
CA ASP B 38 8.32 23.79 18.89
C ASP B 38 7.05 24.54 19.31
N SER B 39 6.18 24.79 18.34
CA SER B 39 4.92 25.51 18.59
C SER B 39 4.16 24.95 19.77
N ASP B 40 4.02 23.63 19.76
CA ASP B 40 3.32 22.91 20.81
C ASP B 40 3.97 23.28 22.13
N VAL B 41 5.30 23.28 22.15
CA VAL B 41 6.01 23.65 23.35
C VAL B 41 5.72 25.11 23.61
N GLY B 42 6.34 25.98 22.81
CA GLY B 42 6.14 27.41 22.97
C GLY B 42 7.41 28.25 23.00
N GLU B 43 8.48 27.72 23.60
CA GLU B 43 9.76 28.42 23.71
C GLU B 43 10.93 27.58 23.22
N TYR B 44 12.07 28.21 23.00
CA TYR B 44 13.26 27.49 22.57
C TYR B 44 13.66 26.59 23.73
N ARG B 45 14.29 25.45 23.42
CA ARG B 45 14.72 24.49 24.44
C ARG B 45 16.09 23.88 24.12
N ALA B 46 16.79 23.41 25.14
CA ALA B 46 18.09 22.78 24.93
C ALA B 46 17.78 21.30 24.72
N VAL B 47 18.38 20.67 23.71
CA VAL B 47 18.13 19.26 23.48
C VAL B 47 19.30 18.46 24.01
N THR B 48 20.46 19.09 23.95
CA THR B 48 21.68 18.47 24.43
C THR B 48 22.38 19.44 25.36
N GLU B 49 23.70 19.29 25.45
CA GLU B 49 24.51 20.16 26.28
C GLU B 49 24.80 21.47 25.59
N LEU B 50 25.49 21.38 24.46
CA LEU B 50 25.86 22.55 23.69
C LEU B 50 24.76 23.58 23.69
N GLY B 51 23.52 23.15 23.91
CA GLY B 51 22.41 24.06 23.89
C GLY B 51 21.89 24.52 25.24
N ARG B 52 22.53 24.05 26.31
CA ARG B 52 22.12 24.41 27.66
C ARG B 52 21.74 25.87 27.87
N HIS B 53 22.68 26.78 27.71
CA HIS B 53 22.40 28.20 27.89
C HIS B 53 21.92 28.86 26.60
N SER B 54 22.18 28.22 25.46
CA SER B 54 21.74 28.77 24.18
C SER B 54 20.23 29.03 24.22
N ALA B 55 19.49 28.18 24.92
CA ALA B 55 18.03 28.31 25.05
C ALA B 55 17.65 29.66 25.65
N GLU B 56 18.05 29.83 26.90
CA GLU B 56 17.81 31.03 27.68
C GLU B 56 18.01 32.34 26.91
N TYR B 57 18.96 32.31 25.98
CA TYR B 57 19.29 33.46 25.16
C TYR B 57 18.29 33.69 24.03
N TYR B 58 18.00 32.63 23.27
CA TYR B 58 17.08 32.72 22.14
C TYR B 58 15.69 33.21 22.52
N ASN B 59 15.26 32.91 23.74
CA ASN B 59 13.94 33.35 24.17
C ASN B 59 14.00 34.83 24.46
N LYS B 60 14.94 35.19 25.31
CA LYS B 60 15.16 36.58 25.68
C LYS B 60 15.26 37.41 24.41
N GLN B 61 15.88 36.83 23.39
CA GLN B 61 16.11 37.53 22.16
C GLN B 61 15.20 37.34 20.98
N TYR B 62 14.72 36.12 20.76
CA TYR B 62 13.91 35.88 19.59
C TYR B 62 12.52 35.36 19.84
N LEU B 63 12.33 34.72 20.99
CA LEU B 63 11.03 34.15 21.33
C LEU B 63 9.83 34.77 20.65
N GLU B 64 9.57 36.04 20.95
CA GLU B 64 8.45 36.71 20.34
C GLU B 64 8.46 36.48 18.82
N ARG B 65 9.35 37.19 18.13
CA ARG B 65 9.46 37.07 16.70
C ARG B 65 9.23 35.64 16.24
N THR B 66 9.98 34.71 16.81
CA THR B 66 9.85 33.31 16.45
C THR B 66 8.39 32.84 16.51
N ARG B 67 7.80 32.93 17.70
CA ARG B 67 6.43 32.50 17.89
C ARG B 67 5.52 33.05 16.79
N ALA B 68 5.97 34.13 16.16
CA ALA B 68 5.21 34.80 15.10
C ALA B 68 5.44 34.29 13.69
N GLU B 69 6.55 33.60 13.48
CA GLU B 69 6.87 33.08 12.17
C GLU B 69 5.90 31.97 11.81
N LEU B 70 5.18 31.51 12.83
CA LEU B 70 4.22 30.43 12.63
C LEU B 70 3.16 30.85 11.61
N ASP B 71 3.02 32.16 11.41
CA ASP B 71 2.06 32.72 10.46
C ASP B 71 2.69 33.38 9.27
N THR B 72 3.59 34.32 9.55
CA THR B 72 4.31 35.05 8.52
C THR B 72 5.01 34.06 7.58
N ALA B 73 5.37 32.90 8.13
CA ALA B 73 6.05 31.87 7.37
C ALA B 73 5.23 30.62 7.10
N CYS B 74 4.85 29.89 8.15
CA CYS B 74 4.10 28.68 7.91
C CYS B 74 2.74 28.95 7.27
N ARG B 75 1.78 29.42 8.06
CA ARG B 75 0.44 29.69 7.53
C ARG B 75 0.46 30.44 6.20
N HIS B 76 1.27 31.49 6.15
CA HIS B 76 1.39 32.27 4.94
C HIS B 76 1.67 31.37 3.75
N ASN B 77 2.90 30.89 3.70
CA ASN B 77 3.34 30.00 2.63
C ASN B 77 2.25 29.03 2.17
N TYR B 78 1.80 28.18 3.09
CA TYR B 78 0.77 27.20 2.73
C TYR B 78 -0.38 27.84 1.97
N GLU B 79 -1.14 28.67 2.69
CA GLU B 79 -2.31 29.35 2.14
C GLU B 79 -2.02 30.27 0.97
N GLU B 80 -0.88 30.93 1.01
CA GLU B 80 -0.56 31.85 -0.05
C GLU B 80 0.21 31.29 -1.20
N THR B 81 1.05 30.30 -0.96
CA THR B 81 1.87 29.78 -2.06
C THR B 81 1.67 28.34 -2.43
N GLU B 82 1.39 27.50 -1.44
CA GLU B 82 1.25 26.07 -1.71
C GLU B 82 -0.01 25.66 -2.45
N VAL B 83 -1.13 26.24 -2.06
CA VAL B 83 -2.40 25.91 -2.71
C VAL B 83 -2.34 26.09 -4.22
N PRO B 84 -1.75 27.20 -4.70
CA PRO B 84 -1.66 27.47 -6.13
C PRO B 84 -0.57 26.68 -6.88
N THR B 85 0.30 26.02 -6.13
CA THR B 85 1.37 25.26 -6.77
C THR B 85 1.42 23.82 -6.34
N SER B 86 2.30 23.53 -5.40
CA SER B 86 2.48 22.17 -4.92
C SER B 86 1.18 21.40 -4.78
N LEU B 87 0.28 21.90 -3.94
CA LEU B 87 -0.99 21.21 -3.70
C LEU B 87 -1.90 21.13 -4.93
N ARG B 88 -1.50 21.79 -6.00
CA ARG B 88 -2.28 21.82 -7.23
C ARG B 88 -1.69 20.88 -8.29
N ARG B 89 -0.37 20.74 -8.28
CA ARG B 89 0.32 19.90 -9.24
C ARG B 89 -0.44 18.60 -9.48
N LEU B 90 -0.64 18.27 -10.75
CA LEU B 90 -1.36 17.05 -11.12
C LEU B 90 -0.77 16.32 -12.31
N GLU B 91 0.21 15.45 -12.07
CA GLU B 91 0.87 14.70 -13.13
C GLU B 91 0.31 13.33 -13.40
N GLN B 92 -0.35 13.22 -14.55
CA GLN B 92 -0.94 11.96 -15.00
C GLN B 92 0.16 10.88 -15.11
N PRO B 93 -0.22 9.61 -14.95
CA PRO B 93 0.80 8.56 -15.05
C PRO B 93 0.94 7.91 -16.42
N ASN B 94 1.83 6.93 -16.47
CA ASN B 94 2.07 6.17 -17.67
C ASN B 94 1.92 4.73 -17.36
N VAL B 95 1.13 4.05 -18.16
CA VAL B 95 0.95 2.67 -17.88
C VAL B 95 1.47 1.81 -19.02
N ALA B 96 2.16 0.75 -18.65
CA ALA B 96 2.72 -0.17 -19.61
C ALA B 96 2.86 -1.53 -18.97
N ILE B 97 2.49 -2.56 -19.71
CA ILE B 97 2.56 -3.92 -19.24
C ILE B 97 3.74 -4.63 -19.86
N SER B 98 4.55 -5.25 -19.01
CA SER B 98 5.73 -5.95 -19.51
C SER B 98 5.75 -7.41 -19.07
N LEU B 99 6.61 -8.22 -19.67
CA LEU B 99 6.63 -9.63 -19.30
C LEU B 99 7.93 -10.08 -18.64
N SER B 100 7.79 -10.73 -17.50
CA SER B 100 8.93 -11.21 -16.75
C SER B 100 9.97 -11.82 -17.63
N ARG B 101 9.60 -12.88 -18.34
CA ARG B 101 10.56 -13.56 -19.21
C ARG B 101 9.99 -14.00 -20.55
N THR B 102 10.73 -13.67 -21.61
CA THR B 102 10.42 -13.99 -23.01
C THR B 102 9.35 -15.08 -23.22
N GLU B 103 8.25 -14.68 -23.85
CA GLU B 103 7.12 -15.58 -24.15
C GLU B 103 6.72 -16.56 -23.03
N ALA B 104 5.52 -17.11 -23.17
CA ALA B 104 5.01 -18.07 -22.19
C ALA B 104 4.69 -19.43 -22.79
N LEU B 105 5.23 -20.46 -22.15
CA LEU B 105 5.02 -21.86 -22.56
C LEU B 105 3.63 -22.24 -22.10
N ASN B 106 3.34 -21.76 -20.90
CA ASN B 106 2.09 -21.94 -20.16
C ASN B 106 2.57 -22.16 -18.73
N HIS B 107 3.77 -21.66 -18.46
CA HIS B 107 4.39 -21.79 -17.14
C HIS B 107 4.16 -20.54 -16.28
N HIS B 108 4.65 -20.62 -15.05
CA HIS B 108 4.52 -19.52 -14.09
C HIS B 108 5.32 -18.31 -14.58
N ASN B 109 4.59 -17.28 -14.97
CA ASN B 109 5.20 -16.05 -15.45
C ASN B 109 4.68 -14.87 -14.63
N THR B 110 5.19 -13.68 -14.94
CA THR B 110 4.77 -12.50 -14.24
C THR B 110 4.71 -11.23 -15.11
N LEU B 111 3.54 -10.62 -15.10
CA LEU B 111 3.26 -9.40 -15.86
C LEU B 111 3.56 -8.17 -15.00
N VAL B 112 4.23 -7.20 -15.62
CA VAL B 112 4.62 -6.01 -14.90
C VAL B 112 3.91 -4.75 -15.33
N CYS B 113 2.79 -4.43 -14.71
CA CYS B 113 2.15 -3.17 -15.04
C CYS B 113 3.21 -2.15 -14.58
N SER B 114 3.34 -1.02 -15.27
CA SER B 114 4.33 -0.01 -14.89
C SER B 114 3.69 1.37 -14.86
N VAL B 115 3.33 1.81 -13.66
CA VAL B 115 2.72 3.13 -13.49
C VAL B 115 3.82 4.16 -13.18
N THR B 116 4.11 5.03 -14.14
CA THR B 116 5.18 6.00 -13.98
C THR B 116 4.90 7.49 -14.12
N ASP B 117 5.86 8.26 -13.62
CA ASP B 117 5.79 9.71 -13.69
C ASP B 117 4.55 10.39 -13.16
N PHE B 118 3.98 9.88 -12.08
CA PHE B 118 2.78 10.55 -11.59
C PHE B 118 2.98 11.49 -10.40
N TYR B 119 1.86 12.10 -10.00
CA TYR B 119 1.88 13.03 -8.90
C TYR B 119 0.52 13.71 -8.68
N PRO B 120 0.08 13.86 -7.42
CA PRO B 120 0.81 13.43 -6.23
C PRO B 120 0.95 11.92 -6.21
N ALA B 121 1.10 11.34 -5.02
CA ALA B 121 1.25 9.90 -4.97
C ALA B 121 0.01 9.08 -4.67
N LYS B 122 -1.18 9.69 -4.55
CA LYS B 122 -2.34 8.86 -4.28
C LYS B 122 -2.74 8.16 -5.56
N ILE B 123 -2.65 6.83 -5.53
CA ILE B 123 -2.94 6.03 -6.70
C ILE B 123 -3.38 4.61 -6.41
N LYS B 124 -4.20 4.09 -7.32
CA LYS B 124 -4.73 2.74 -7.21
C LYS B 124 -4.51 1.94 -8.49
N VAL B 125 -3.84 0.81 -8.34
CA VAL B 125 -3.57 -0.06 -9.46
C VAL B 125 -4.13 -1.43 -9.16
N ARG B 126 -4.51 -2.18 -10.18
CA ARG B 126 -5.03 -3.50 -9.90
C ARG B 126 -5.13 -4.24 -11.19
N TRP B 127 -4.93 -5.54 -11.13
CA TRP B 127 -5.01 -6.37 -12.33
C TRP B 127 -6.37 -7.00 -12.51
N PHE B 128 -6.61 -7.55 -13.69
CA PHE B 128 -7.87 -8.21 -14.02
C PHE B 128 -7.64 -9.36 -14.99
N ARG B 129 -8.37 -10.46 -14.81
CA ARG B 129 -8.22 -11.59 -15.74
C ARG B 129 -9.55 -11.76 -16.39
N ASN B 130 -9.70 -11.15 -17.56
CA ASN B 130 -10.95 -11.25 -18.27
C ASN B 130 -12.02 -10.59 -17.39
N GLY B 131 -11.81 -9.32 -17.08
CA GLY B 131 -12.78 -8.61 -16.28
C GLY B 131 -12.86 -9.05 -14.83
N GLN B 132 -12.11 -10.08 -14.48
CA GLN B 132 -12.13 -10.53 -13.11
C GLN B 132 -10.96 -10.01 -12.30
N GLU B 133 -11.26 -9.48 -11.12
CA GLU B 133 -10.28 -8.93 -10.21
C GLU B 133 -9.27 -10.00 -9.78
N GLU B 134 -8.02 -9.83 -10.18
CA GLU B 134 -6.99 -10.79 -9.75
C GLU B 134 -6.70 -10.48 -8.30
N THR B 135 -7.23 -11.30 -7.42
CA THR B 135 -7.06 -11.14 -5.98
C THR B 135 -5.66 -11.55 -5.48
N VAL B 136 -5.19 -12.68 -5.97
CA VAL B 136 -3.90 -13.17 -5.57
C VAL B 136 -2.89 -13.26 -6.68
N GLY B 137 -1.61 -13.08 -6.35
CA GLY B 137 -0.57 -13.13 -7.36
C GLY B 137 0.00 -11.75 -7.57
N VAL B 138 -0.76 -10.75 -7.15
CA VAL B 138 -0.34 -9.37 -7.27
C VAL B 138 0.65 -9.05 -6.16
N SER B 139 1.52 -8.10 -6.44
CA SER B 139 2.50 -7.65 -5.50
C SER B 139 3.04 -6.41 -6.17
N SER B 140 3.47 -5.44 -5.39
CA SER B 140 3.98 -4.22 -5.97
C SER B 140 5.18 -3.72 -5.20
N THR B 141 5.91 -2.78 -5.77
CA THR B 141 7.08 -2.21 -5.10
C THR B 141 6.61 -1.09 -4.18
N GLN B 142 7.35 -0.81 -3.11
CA GLN B 142 6.96 0.28 -2.23
C GLN B 142 7.20 1.53 -3.06
N LEU B 143 6.10 2.17 -3.46
CA LEU B 143 6.14 3.37 -4.28
C LEU B 143 7.44 4.18 -4.22
N ILE B 144 7.97 4.51 -5.38
CA ILE B 144 9.23 5.22 -5.51
C ILE B 144 9.13 6.71 -5.82
N ARG B 145 9.97 7.50 -5.18
CA ARG B 145 9.98 8.94 -5.39
C ARG B 145 11.17 9.40 -6.22
N ASN B 146 10.93 9.65 -7.51
CA ASN B 146 11.95 10.06 -8.46
C ASN B 146 12.76 11.31 -8.11
N GLY B 147 12.21 12.15 -7.24
CA GLY B 147 12.93 13.36 -6.85
C GLY B 147 12.76 14.56 -7.78
N ASP B 148 12.10 14.35 -8.91
CA ASP B 148 11.85 15.44 -9.85
C ASP B 148 10.37 15.74 -9.76
N TRP B 149 9.78 15.57 -8.58
CA TRP B 149 8.36 15.82 -8.35
C TRP B 149 7.43 14.86 -9.10
N THR B 150 7.78 13.57 -9.10
CA THR B 150 6.99 12.53 -9.75
C THR B 150 7.35 11.21 -9.08
N PHE B 151 6.43 10.24 -9.16
CA PHE B 151 6.60 8.93 -8.58
C PHE B 151 6.46 7.84 -9.64
N GLN B 152 6.78 6.63 -9.28
CA GLN B 152 6.59 5.53 -10.19
C GLN B 152 6.16 4.37 -9.30
N VAL B 153 5.93 3.20 -9.88
CA VAL B 153 5.55 2.01 -9.11
C VAL B 153 5.24 0.86 -10.04
N LEU B 154 5.65 -0.34 -9.66
CA LEU B 154 5.42 -1.51 -10.47
C LEU B 154 4.51 -2.50 -9.75
N VAL B 155 3.53 -3.01 -10.49
CA VAL B 155 2.56 -3.95 -9.96
C VAL B 155 2.63 -5.24 -10.71
N MET B 156 3.35 -6.22 -10.17
CA MET B 156 3.52 -7.50 -10.86
C MET B 156 2.34 -8.45 -10.76
N LEU B 157 2.33 -9.47 -11.64
CA LEU B 157 1.28 -10.48 -11.59
C LEU B 157 1.74 -11.90 -11.92
N GLU B 158 1.79 -12.73 -10.89
CA GLU B 158 2.15 -14.13 -11.03
C GLU B 158 0.96 -14.80 -11.71
N MET B 159 1.18 -15.38 -12.87
CA MET B 159 0.09 -16.04 -13.58
C MET B 159 0.55 -17.04 -14.62
N THR B 160 -0.36 -17.94 -14.97
CA THR B 160 -0.09 -18.96 -15.98
C THR B 160 -1.03 -18.66 -17.14
N PRO B 161 -0.46 -18.22 -18.27
CA PRO B 161 -1.23 -17.88 -19.47
C PRO B 161 -1.68 -19.08 -20.27
N HIS B 162 -2.90 -19.00 -20.76
CA HIS B 162 -3.47 -20.05 -21.58
C HIS B 162 -3.62 -19.34 -22.91
N GLN B 163 -4.77 -19.46 -23.56
CA GLN B 163 -4.95 -18.75 -24.82
C GLN B 163 -6.34 -18.17 -24.91
N GLY B 164 -6.41 -16.91 -25.33
CA GLY B 164 -7.69 -16.24 -25.43
C GLY B 164 -7.90 -15.50 -24.14
N GLU B 165 -6.93 -15.60 -23.25
CA GLU B 165 -7.01 -14.94 -21.97
C GLU B 165 -6.64 -13.48 -22.13
N VAL B 166 -7.24 -12.63 -21.29
CA VAL B 166 -6.95 -11.21 -21.33
C VAL B 166 -6.61 -10.69 -19.93
N TYR B 167 -5.47 -10.02 -19.82
CA TYR B 167 -5.03 -9.45 -18.57
C TYR B 167 -5.01 -7.95 -18.70
N THR B 168 -5.74 -7.27 -17.81
CA THR B 168 -5.87 -5.82 -17.84
C THR B 168 -5.33 -5.14 -16.58
N CYS B 169 -4.57 -4.06 -16.77
CA CYS B 169 -4.04 -3.32 -15.64
C CYS B 169 -4.83 -2.04 -15.44
N HIS B 170 -5.81 -2.08 -14.55
CA HIS B 170 -6.65 -0.93 -14.25
C HIS B 170 -5.84 0.06 -13.41
N VAL B 171 -5.75 1.31 -13.86
CA VAL B 171 -5.01 2.30 -13.08
C VAL B 171 -5.82 3.55 -12.79
N GLU B 172 -6.02 3.83 -11.51
CA GLU B 172 -6.80 5.01 -11.09
C GLU B 172 -5.89 5.98 -10.37
N HIS B 173 -6.12 7.28 -10.61
CA HIS B 173 -5.34 8.35 -10.01
C HIS B 173 -6.15 9.64 -10.06
N PRO B 174 -5.94 10.55 -9.11
CA PRO B 174 -6.65 11.83 -9.04
C PRO B 174 -6.51 12.70 -10.29
N SER B 175 -5.37 12.60 -10.96
CA SER B 175 -5.12 13.40 -12.14
C SER B 175 -6.01 13.00 -13.29
N LEU B 176 -6.52 11.78 -13.25
CA LEU B 176 -7.35 11.28 -14.33
C LEU B 176 -8.83 11.30 -14.05
N LYS B 177 -9.58 11.60 -15.12
CA LYS B 177 -11.04 11.65 -15.10
C LYS B 177 -11.50 10.19 -15.12
N SER B 178 -11.09 9.50 -16.18
CA SER B 178 -11.40 8.10 -16.40
C SER B 178 -10.11 7.31 -16.20
N PRO B 179 -10.22 6.14 -15.58
CA PRO B 179 -9.07 5.29 -15.34
C PRO B 179 -8.50 4.72 -16.61
N ILE B 180 -7.18 4.66 -16.64
CA ILE B 180 -6.45 4.11 -17.75
C ILE B 180 -6.48 2.62 -17.57
N THR B 181 -6.73 1.90 -18.66
CA THR B 181 -6.74 0.45 -18.63
C THR B 181 -5.72 0.06 -19.68
N VAL B 182 -4.90 -0.95 -19.42
CA VAL B 182 -3.94 -1.41 -20.43
C VAL B 182 -4.05 -2.93 -20.54
N GLU B 183 -4.49 -3.41 -21.70
CA GLU B 183 -4.68 -4.84 -21.93
C GLU B 183 -3.43 -5.55 -22.39
N TRP B 184 -3.44 -6.87 -22.30
CA TRP B 184 -2.30 -7.69 -22.71
C TRP B 184 -2.80 -9.10 -23.09
N ARG B 185 -2.40 -9.57 -24.26
CA ARG B 185 -2.84 -10.88 -24.71
C ARG B 185 -1.71 -11.85 -25.11
N ALA B 186 -1.94 -13.13 -24.85
CA ALA B 186 -0.99 -14.19 -25.14
C ALA B 186 -1.01 -14.59 -26.62
N GLN B 187 -0.99 -13.57 -27.49
CA GLN B 187 -1.02 -13.79 -28.93
C GLN B 187 0.14 -14.70 -29.39
N ALA C 1 3.31 39.31 -6.91
CA ALA C 1 2.26 38.85 -5.96
C ALA C 1 2.93 38.31 -4.72
N MET C 2 2.22 37.41 -4.05
CA MET C 2 2.69 36.79 -2.83
C MET C 2 4.03 36.12 -3.09
N LYS C 3 4.88 36.15 -2.08
CA LYS C 3 6.21 35.57 -2.15
C LYS C 3 6.39 34.57 -1.02
N ARG C 4 7.29 33.61 -1.24
CA ARG C 4 7.56 32.61 -0.24
C ARG C 4 8.47 33.18 0.87
N HIS C 5 8.14 32.86 2.11
CA HIS C 5 8.92 33.32 3.24
C HIS C 5 9.74 32.15 3.77
N GLY C 6 10.93 32.44 4.25
CA GLY C 6 11.79 31.41 4.80
C GLY C 6 12.06 31.67 6.26
N LEU C 7 11.84 30.66 7.09
CA LEU C 7 12.05 30.79 8.53
C LEU C 7 13.41 31.42 8.81
N ASP C 8 13.44 32.32 9.79
CA ASP C 8 14.65 33.04 10.15
C ASP C 8 15.59 32.22 11.00
N ASN C 9 16.84 32.16 10.58
CA ASN C 9 17.89 31.46 11.28
C ASN C 9 18.44 32.49 12.25
N TYR C 10 18.25 32.24 13.54
CA TYR C 10 18.69 33.18 14.56
C TYR C 10 20.12 32.97 15.00
N ARG C 11 20.86 34.07 15.09
CA ARG C 11 22.25 34.01 15.50
C ARG C 11 22.41 33.63 16.97
N GLY C 12 23.55 33.03 17.32
CA GLY C 12 23.80 32.67 18.70
C GLY C 12 24.52 33.82 19.36
N TYR C 13 24.77 33.75 20.67
CA TYR C 13 25.45 34.84 21.38
C TYR C 13 26.94 34.96 21.06
N SER C 14 27.36 36.18 20.73
CA SER C 14 28.75 36.51 20.37
C SER C 14 29.77 36.63 21.52
N ILE D 1 -18.18 -0.20 -5.81
CA ILE D 1 -18.81 0.72 -4.80
C ILE D 1 -17.88 1.06 -3.64
N GLU D 2 -17.84 2.32 -3.24
CA GLU D 2 -16.96 2.71 -2.14
C GLU D 2 -17.63 2.67 -0.77
N ALA D 3 -16.85 2.25 0.23
CA ALA D 3 -17.35 2.18 1.59
C ALA D 3 -16.24 1.81 2.58
N ASP D 4 -16.45 2.13 3.86
CA ASP D 4 -15.50 1.84 4.92
C ASP D 4 -15.69 0.43 5.42
N HIS D 5 -16.93 -0.03 5.39
CA HIS D 5 -17.26 -1.38 5.82
C HIS D 5 -18.41 -1.91 4.98
N VAL D 6 -18.46 -3.21 4.79
CA VAL D 6 -19.50 -3.80 3.96
C VAL D 6 -20.00 -5.14 4.49
N GLY D 7 -21.28 -5.21 4.81
CA GLY D 7 -21.85 -6.44 5.33
C GLY D 7 -22.79 -7.12 4.36
N PHE D 8 -22.68 -8.45 4.29
CA PHE D 8 -23.54 -9.24 3.43
C PHE D 8 -24.43 -9.96 4.43
N TYR D 9 -25.68 -9.51 4.52
CA TYR D 9 -26.64 -10.09 5.48
C TYR D 9 -27.84 -10.89 4.90
N GLY D 10 -27.67 -12.20 4.76
CA GLY D 10 -28.75 -13.03 4.24
C GLY D 10 -28.48 -13.52 2.84
N THR D 11 -27.25 -13.32 2.35
CA THR D 11 -26.84 -13.75 1.01
C THR D 11 -27.27 -15.20 0.85
N THR D 12 -28.31 -15.42 0.05
CA THR D 12 -28.87 -16.76 -0.16
C THR D 12 -28.67 -17.34 -1.56
N VAL D 13 -28.39 -18.64 -1.62
CA VAL D 13 -28.18 -19.33 -2.88
C VAL D 13 -28.92 -20.66 -2.86
N TYR D 14 -29.48 -21.03 -4.01
CA TYR D 14 -30.21 -22.29 -4.17
C TYR D 14 -30.07 -22.73 -5.62
N GLN D 15 -30.04 -24.03 -5.85
CA GLN D 15 -29.92 -24.57 -7.20
C GLN D 15 -30.43 -26.00 -7.26
N SER D 16 -30.82 -26.41 -8.45
CA SER D 16 -31.33 -27.76 -8.63
C SER D 16 -31.01 -28.19 -10.06
N PRO D 17 -31.07 -29.51 -10.34
CA PRO D 17 -31.44 -30.62 -9.45
C PRO D 17 -30.52 -30.78 -8.23
N GLY D 18 -31.04 -31.48 -7.22
CA GLY D 18 -30.29 -31.71 -5.99
C GLY D 18 -30.90 -30.97 -4.81
N ASP D 19 -31.56 -29.84 -5.11
CA ASP D 19 -32.17 -29.01 -4.09
C ASP D 19 -31.14 -28.54 -3.07
N ILE D 20 -30.02 -28.05 -3.59
CA ILE D 20 -28.92 -27.56 -2.76
C ILE D 20 -28.93 -26.05 -2.50
N GLY D 21 -29.04 -25.71 -1.22
CA GLY D 21 -29.07 -24.31 -0.83
C GLY D 21 -27.97 -23.89 0.13
N GLN D 22 -27.89 -22.57 0.34
CA GLN D 22 -26.90 -21.96 1.23
C GLN D 22 -27.41 -20.58 1.70
N TYR D 23 -27.17 -20.27 3.00
CA TYR D 23 -27.56 -18.99 3.60
C TYR D 23 -26.42 -18.53 4.51
N THR D 24 -25.83 -17.36 4.22
CA THR D 24 -24.72 -16.87 5.03
C THR D 24 -24.65 -15.36 5.23
N HIS D 25 -23.85 -14.96 6.21
CA HIS D 25 -23.63 -13.55 6.53
C HIS D 25 -22.15 -13.26 6.65
N GLU D 26 -21.68 -12.29 5.86
CA GLU D 26 -20.27 -11.92 5.89
C GLU D 26 -20.14 -10.45 6.19
N PHE D 27 -19.08 -10.11 6.91
CA PHE D 27 -18.80 -8.73 7.22
C PHE D 27 -17.40 -8.47 6.78
N ASP D 28 -17.23 -7.28 6.20
CA ASP D 28 -15.96 -6.85 5.66
C ASP D 28 -15.24 -7.96 4.95
N GLY D 29 -16.01 -8.71 4.15
CA GLY D 29 -15.48 -9.82 3.38
C GLY D 29 -15.26 -11.14 4.09
N ASP D 30 -15.64 -11.26 5.36
CA ASP D 30 -15.42 -12.53 6.07
C ASP D 30 -16.68 -13.28 6.49
N GLU D 31 -16.60 -14.61 6.50
CA GLU D 31 -17.75 -15.41 6.86
C GLU D 31 -18.08 -15.23 8.33
N LEU D 32 -19.10 -14.44 8.62
CA LEU D 32 -19.48 -14.30 10.00
C LEU D 32 -19.85 -15.73 10.40
N PHE D 33 -20.88 -16.25 9.74
CA PHE D 33 -21.39 -17.59 10.01
C PHE D 33 -22.31 -18.02 8.85
N TYR D 34 -22.72 -19.28 8.86
CA TYR D 34 -23.64 -19.81 7.87
C TYR D 34 -24.76 -20.52 8.65
N VAL D 35 -25.74 -21.05 7.93
CA VAL D 35 -26.87 -21.73 8.56
C VAL D 35 -27.03 -23.21 8.14
N ASP D 36 -26.96 -24.13 9.10
CA ASP D 36 -27.10 -25.53 8.77
C ASP D 36 -28.55 -25.90 8.51
N LEU D 37 -28.88 -25.98 7.22
CA LEU D 37 -30.24 -26.30 6.80
C LEU D 37 -30.78 -27.57 7.41
N ASP D 38 -29.90 -28.49 7.74
CA ASP D 38 -30.35 -29.74 8.33
C ASP D 38 -30.58 -29.55 9.81
N LYS D 39 -29.52 -29.66 10.60
CA LYS D 39 -29.61 -29.49 12.04
C LYS D 39 -30.26 -28.16 12.40
N LYS D 40 -30.60 -27.38 11.37
CA LYS D 40 -31.25 -26.07 11.49
C LYS D 40 -30.74 -25.16 12.61
N LYS D 41 -29.49 -24.73 12.53
CA LYS D 41 -28.92 -23.83 13.55
C LYS D 41 -27.88 -22.86 12.97
N THR D 42 -27.43 -21.94 13.81
CA THR D 42 -26.43 -20.96 13.41
C THR D 42 -25.02 -21.51 13.63
N VAL D 43 -24.29 -21.72 12.53
CA VAL D 43 -22.92 -22.24 12.59
C VAL D 43 -21.93 -21.16 12.19
N TRP D 44 -21.13 -20.72 13.15
CA TRP D 44 -20.15 -19.66 12.93
C TRP D 44 -18.82 -20.10 12.36
N ARG D 45 -17.98 -19.11 12.08
CA ARG D 45 -16.67 -19.34 11.54
C ARG D 45 -15.67 -19.44 12.68
N LEU D 46 -15.94 -18.72 13.76
CA LEU D 46 -15.07 -18.74 14.93
C LEU D 46 -15.89 -18.95 16.21
N PRO D 47 -15.36 -19.76 17.13
CA PRO D 47 -15.99 -20.08 18.41
C PRO D 47 -16.36 -18.81 19.17
N GLU D 48 -15.31 -18.05 19.44
CA GLU D 48 -15.36 -16.77 20.14
C GLU D 48 -16.50 -15.86 19.66
N PHE D 49 -17.13 -16.23 18.56
CA PHE D 49 -18.19 -15.42 17.97
C PHE D 49 -19.54 -15.25 18.68
N GLY D 50 -20.56 -15.93 18.15
CA GLY D 50 -21.91 -15.84 18.69
C GLY D 50 -22.06 -16.11 20.16
N GLN D 51 -20.98 -15.95 20.91
CA GLN D 51 -21.03 -16.18 22.33
C GLN D 51 -21.54 -14.95 23.04
N LEU D 52 -22.68 -14.44 22.57
CA LEU D 52 -23.35 -13.27 23.13
C LEU D 52 -24.51 -12.82 22.25
N ILE D 53 -24.18 -12.33 21.05
CA ILE D 53 -25.19 -11.86 20.11
C ILE D 53 -25.45 -12.97 19.13
N LEU D 54 -26.67 -13.49 19.14
CA LEU D 54 -27.00 -14.61 18.26
C LEU D 54 -27.87 -14.24 17.08
N PHE D 55 -28.14 -15.24 16.25
CA PHE D 55 -28.97 -15.07 15.05
C PHE D 55 -30.05 -16.17 14.98
N GLU D 56 -31.28 -15.76 14.72
CA GLU D 56 -32.40 -16.70 14.63
C GLU D 56 -32.29 -17.45 13.29
N PRO D 57 -31.75 -18.68 13.32
CA PRO D 57 -31.56 -19.55 12.15
C PRO D 57 -32.76 -19.66 11.23
N GLN D 58 -33.94 -19.51 11.80
CA GLN D 58 -35.15 -19.61 11.00
C GLN D 58 -35.12 -18.62 9.84
N GLY D 59 -34.83 -17.37 10.18
CA GLY D 59 -34.76 -16.30 9.21
C GLY D 59 -34.00 -16.72 7.97
N GLY D 60 -33.12 -17.68 8.13
CA GLY D 60 -32.36 -18.16 6.99
C GLY D 60 -33.28 -19.05 6.20
N LEU D 61 -33.78 -20.08 6.87
CA LEU D 61 -34.69 -21.04 6.26
C LEU D 61 -35.71 -20.29 5.40
N GLN D 62 -36.03 -19.08 5.83
CA GLN D 62 -37.01 -18.24 5.17
C GLN D 62 -36.55 -17.63 3.85
N ASN D 63 -35.24 -17.55 3.64
CA ASN D 63 -34.72 -17.00 2.37
C ASN D 63 -34.41 -18.13 1.40
N ILE D 64 -34.02 -19.26 1.96
CA ILE D 64 -33.73 -20.41 1.15
C ILE D 64 -35.07 -20.75 0.49
N ALA D 65 -36.09 -20.85 1.34
CA ALA D 65 -37.45 -21.15 0.88
C ALA D 65 -37.82 -20.19 -0.23
N ALA D 66 -37.80 -18.90 0.08
CA ALA D 66 -38.15 -17.86 -0.90
C ALA D 66 -37.35 -18.11 -2.18
N GLU D 67 -36.07 -18.44 -1.98
CA GLU D 67 -35.16 -18.69 -3.09
C GLU D 67 -35.55 -19.93 -3.90
N LYS D 68 -35.93 -21.01 -3.24
CA LYS D 68 -36.36 -22.20 -3.96
C LYS D 68 -37.43 -21.75 -4.96
N HIS D 69 -38.33 -20.91 -4.45
CA HIS D 69 -39.44 -20.32 -5.19
C HIS D 69 -38.87 -19.56 -6.39
N ASN D 70 -38.33 -18.38 -6.10
CA ASN D 70 -37.75 -17.51 -7.11
C ASN D 70 -36.91 -18.28 -8.12
N LEU D 71 -36.35 -19.42 -7.70
CA LEU D 71 -35.51 -20.22 -8.59
C LEU D 71 -36.36 -20.81 -9.70
N GLY D 72 -37.33 -21.65 -9.33
CA GLY D 72 -38.19 -22.24 -10.33
C GLY D 72 -38.70 -21.20 -11.31
N ILE D 73 -39.40 -20.20 -10.76
CA ILE D 73 -39.97 -19.12 -11.53
C ILE D 73 -39.04 -18.61 -12.64
N LEU D 74 -37.78 -18.36 -12.28
CA LEU D 74 -36.80 -17.85 -13.24
C LEU D 74 -36.34 -18.88 -14.25
N THR D 75 -36.15 -20.10 -13.79
CA THR D 75 -35.73 -21.21 -14.64
C THR D 75 -36.63 -21.18 -15.86
N LYS D 76 -37.92 -21.39 -15.61
CA LYS D 76 -38.93 -21.38 -16.65
C LYS D 76 -38.84 -20.09 -17.46
N ARG D 77 -39.09 -18.95 -16.82
CA ARG D 77 -39.06 -17.67 -17.50
C ARG D 77 -37.88 -17.48 -18.45
N SER D 78 -36.73 -18.04 -18.07
CA SER D 78 -35.51 -17.93 -18.86
C SER D 78 -35.46 -18.95 -19.99
N ASN D 79 -36.49 -19.77 -20.09
CA ASN D 79 -36.57 -20.81 -21.10
C ASN D 79 -35.57 -21.90 -20.75
N PHE D 80 -35.76 -22.49 -19.57
CA PHE D 80 -34.91 -23.56 -19.09
C PHE D 80 -33.46 -23.37 -19.51
N THR D 81 -32.99 -22.13 -19.36
CA THR D 81 -31.60 -21.79 -19.71
C THR D 81 -30.65 -22.18 -18.57
N PRO D 82 -29.70 -23.08 -18.86
CA PRO D 82 -28.69 -23.61 -17.94
C PRO D 82 -27.54 -22.68 -17.59
N ALA D 83 -27.00 -22.89 -16.38
CA ALA D 83 -25.89 -22.12 -15.86
C ALA D 83 -24.63 -22.72 -16.44
N THR D 84 -23.77 -21.86 -16.96
CA THR D 84 -22.54 -22.33 -17.55
C THR D 84 -21.51 -22.61 -16.48
N ASN D 85 -20.99 -23.84 -16.46
CA ASN D 85 -19.95 -24.20 -15.50
C ASN D 85 -18.75 -23.28 -15.73
N GLU D 86 -17.86 -23.23 -14.76
CA GLU D 86 -16.65 -22.41 -14.86
C GLU D 86 -15.45 -23.22 -14.40
N ALA D 87 -14.27 -22.70 -14.69
CA ALA D 87 -13.04 -23.38 -14.31
C ALA D 87 -12.52 -22.83 -13.00
N PRO D 88 -12.82 -23.52 -11.89
CA PRO D 88 -12.33 -23.03 -10.60
C PRO D 88 -10.81 -22.97 -10.68
N GLN D 89 -10.23 -22.00 -9.99
CA GLN D 89 -8.78 -21.86 -9.98
C GLN D 89 -8.30 -21.79 -8.54
N ALA D 90 -7.56 -22.81 -8.14
CA ALA D 90 -7.04 -22.90 -6.78
C ALA D 90 -5.58 -22.45 -6.69
N THR D 91 -5.19 -22.11 -5.47
CA THR D 91 -3.83 -21.68 -5.17
C THR D 91 -3.58 -22.10 -3.74
N VAL D 92 -2.33 -22.44 -3.43
CA VAL D 92 -2.02 -22.90 -2.08
C VAL D 92 -0.92 -22.11 -1.41
N PHE D 93 -1.05 -22.00 -0.08
CA PHE D 93 -0.10 -21.26 0.72
C PHE D 93 -0.29 -21.52 2.22
N PRO D 94 0.76 -21.26 3.01
CA PRO D 94 0.74 -21.47 4.46
C PRO D 94 0.24 -20.30 5.33
N LYS D 95 -0.59 -20.65 6.31
CA LYS D 95 -1.12 -19.66 7.24
C LYS D 95 0.05 -18.90 7.83
N SER D 96 0.99 -19.63 8.41
CA SER D 96 2.17 -19.01 9.00
C SER D 96 3.42 -19.53 8.26
N PRO D 97 4.62 -18.99 8.59
CA PRO D 97 5.87 -19.41 7.95
C PRO D 97 6.11 -20.90 8.06
N VAL D 98 6.96 -21.42 7.18
CA VAL D 98 7.25 -22.85 7.18
C VAL D 98 8.42 -23.25 8.09
N LEU D 99 8.09 -23.97 9.16
CA LEU D 99 9.09 -24.44 10.10
C LEU D 99 8.83 -25.88 10.47
N LEU D 100 9.77 -26.74 10.09
CA LEU D 100 9.67 -28.16 10.37
C LEU D 100 9.29 -28.38 11.84
N GLY D 101 8.34 -29.29 12.05
CA GLY D 101 7.91 -29.62 13.40
C GLY D 101 6.96 -28.59 13.97
N GLN D 102 6.96 -27.38 13.43
CA GLN D 102 6.08 -26.36 13.95
C GLN D 102 4.73 -26.47 13.26
N PRO D 103 3.64 -26.58 14.02
CA PRO D 103 2.31 -26.68 13.42
C PRO D 103 2.09 -25.58 12.39
N ASN D 104 0.98 -25.67 11.68
CA ASN D 104 0.70 -24.71 10.64
C ASN D 104 -0.53 -25.25 9.93
N THR D 105 -1.12 -24.44 9.06
CA THR D 105 -2.28 -24.86 8.31
C THR D 105 -2.03 -24.62 6.83
N LEU D 106 -2.35 -25.60 6.00
CA LEU D 106 -2.17 -25.43 4.58
C LEU D 106 -3.48 -24.85 4.08
N ILE D 107 -3.43 -23.93 3.15
CA ILE D 107 -4.66 -23.37 2.68
C ILE D 107 -4.83 -23.44 1.19
N CYS D 108 -6.00 -23.92 0.80
CA CYS D 108 -6.30 -24.00 -0.60
C CYS D 108 -7.37 -22.95 -0.92
N PHE D 109 -6.95 -21.94 -1.67
CA PHE D 109 -7.85 -20.87 -2.08
C PHE D 109 -8.43 -21.18 -3.45
N VAL D 110 -9.70 -21.59 -3.50
CA VAL D 110 -10.30 -21.83 -4.80
C VAL D 110 -11.21 -20.67 -5.13
N ASP D 111 -11.02 -20.13 -6.34
CA ASP D 111 -11.80 -19.01 -6.82
C ASP D 111 -12.56 -19.40 -8.08
N ASN D 112 -13.33 -18.48 -8.59
CA ASN D 112 -14.10 -18.71 -9.81
C ASN D 112 -14.92 -19.99 -9.77
N ILE D 113 -15.41 -20.35 -8.60
CA ILE D 113 -16.24 -21.54 -8.54
C ILE D 113 -17.60 -21.13 -9.06
N PHE D 114 -18.34 -22.11 -9.56
CA PHE D 114 -19.68 -21.93 -10.11
C PHE D 114 -19.93 -22.88 -11.27
N PRO D 115 -21.06 -23.60 -11.24
CA PRO D 115 -22.03 -23.51 -10.16
C PRO D 115 -21.48 -23.86 -8.76
N PRO D 116 -22.05 -23.25 -7.70
CA PRO D 116 -21.66 -23.45 -6.31
C PRO D 116 -21.73 -24.89 -5.76
N VAL D 117 -21.10 -25.82 -6.48
CA VAL D 117 -21.01 -27.21 -6.08
C VAL D 117 -19.66 -27.70 -6.52
N ILE D 118 -18.79 -27.89 -5.55
CA ILE D 118 -17.45 -28.33 -5.84
C ILE D 118 -17.02 -29.32 -4.78
N ASN D 119 -15.85 -29.93 -5.01
CA ASN D 119 -15.32 -30.92 -4.10
C ASN D 119 -13.83 -30.73 -3.89
N ILE D 120 -13.46 -30.14 -2.76
CA ILE D 120 -12.05 -29.93 -2.49
C ILE D 120 -11.57 -30.90 -1.46
N THR D 121 -10.44 -31.53 -1.76
CA THR D 121 -9.84 -32.51 -0.84
C THR D 121 -8.35 -32.35 -0.84
N TRP D 122 -7.73 -32.74 0.26
CA TRP D 122 -6.30 -32.59 0.36
C TRP D 122 -5.60 -33.88 0.01
N LEU D 123 -4.27 -33.86 -0.04
CA LEU D 123 -3.50 -35.05 -0.38
C LEU D 123 -2.06 -34.93 0.02
N ARG D 124 -1.60 -35.84 0.88
CA ARG D 124 -0.19 -35.82 1.26
C ARG D 124 0.41 -37.03 0.57
N ASN D 125 1.60 -36.84 0.00
CA ASN D 125 2.28 -37.92 -0.68
C ASN D 125 1.30 -38.72 -1.52
N SER D 126 0.68 -38.03 -2.47
CA SER D 126 -0.28 -38.62 -3.40
C SER D 126 -1.35 -39.53 -2.76
N LYS D 127 -1.53 -39.43 -1.45
CA LYS D 127 -2.57 -40.22 -0.79
C LYS D 127 -3.52 -39.22 -0.15
N SER D 128 -4.81 -39.57 -0.11
CA SER D 128 -5.82 -38.66 0.46
C SER D 128 -5.77 -38.60 1.98
N VAL D 129 -6.08 -37.43 2.53
CA VAL D 129 -6.05 -37.19 3.97
C VAL D 129 -7.34 -36.56 4.51
N THR D 130 -7.71 -36.97 5.73
CA THR D 130 -8.91 -36.49 6.43
C THR D 130 -8.54 -35.96 7.82
N ASP D 131 -9.28 -34.93 8.23
CA ASP D 131 -9.13 -34.25 9.51
C ASP D 131 -7.95 -33.28 9.51
N GLY D 132 -8.12 -32.21 10.28
CA GLY D 132 -7.13 -31.18 10.31
C GLY D 132 -7.60 -30.41 9.08
N VAL D 133 -8.81 -30.77 8.65
CA VAL D 133 -9.44 -30.18 7.49
C VAL D 133 -10.78 -29.51 7.78
N TYR D 134 -10.80 -28.20 7.47
CA TYR D 134 -11.95 -27.31 7.61
C TYR D 134 -12.26 -26.66 6.25
N GLU D 135 -13.54 -26.41 6.01
CA GLU D 135 -13.96 -25.80 4.75
C GLU D 135 -14.92 -24.63 4.98
N THR D 136 -14.67 -23.55 4.28
CA THR D 136 -15.48 -22.35 4.38
C THR D 136 -16.72 -22.51 3.53
N SER D 137 -17.80 -21.86 3.89
CA SER D 137 -19.00 -21.98 3.07
C SER D 137 -18.70 -21.27 1.76
N PHE D 138 -19.47 -21.58 0.72
CA PHE D 138 -19.24 -20.94 -0.57
C PHE D 138 -19.29 -19.45 -0.37
N LEU D 139 -18.36 -18.71 -0.96
CA LEU D 139 -18.38 -17.26 -0.77
C LEU D 139 -18.49 -16.49 -2.07
N VAL D 140 -19.38 -15.50 -2.04
CA VAL D 140 -19.68 -14.68 -3.22
C VAL D 140 -18.55 -13.84 -3.78
N ASN D 141 -18.45 -13.86 -5.09
CA ASN D 141 -17.47 -13.07 -5.81
C ASN D 141 -18.29 -12.05 -6.57
N ARG D 142 -17.75 -10.85 -6.70
CA ARG D 142 -18.42 -9.77 -7.40
C ARG D 142 -19.22 -10.26 -8.63
N ASP D 143 -18.53 -10.92 -9.55
CA ASP D 143 -19.15 -11.44 -10.77
C ASP D 143 -19.94 -12.68 -10.43
N HIS D 144 -20.66 -12.61 -9.32
CA HIS D 144 -21.51 -13.72 -8.89
C HIS D 144 -20.96 -15.13 -9.10
N SER D 145 -19.65 -15.29 -8.94
CA SER D 145 -19.04 -16.61 -9.04
C SER D 145 -18.79 -16.94 -7.60
N PHE D 146 -17.99 -17.97 -7.34
CA PHE D 146 -17.70 -18.36 -5.95
C PHE D 146 -16.25 -18.71 -5.62
N HIS D 147 -15.94 -18.65 -4.32
CA HIS D 147 -14.62 -18.97 -3.76
C HIS D 147 -14.79 -19.58 -2.39
N LYS D 148 -13.92 -20.53 -2.07
CA LYS D 148 -14.01 -21.27 -0.82
C LYS D 148 -12.56 -21.53 -0.43
N LEU D 149 -12.32 -21.90 0.84
CA LEU D 149 -10.96 -22.19 1.29
C LEU D 149 -10.91 -23.43 2.15
N SER D 150 -9.99 -24.33 1.82
CA SER D 150 -9.83 -25.54 2.58
C SER D 150 -8.59 -25.36 3.40
N TYR D 151 -8.69 -25.73 4.68
CA TYR D 151 -7.58 -25.59 5.59
C TYR D 151 -7.09 -26.95 6.03
N LEU D 152 -5.79 -27.19 5.94
CA LEU D 152 -5.24 -28.46 6.39
C LEU D 152 -4.23 -28.25 7.53
N THR D 153 -4.62 -28.53 8.77
CA THR D 153 -3.68 -28.35 9.88
C THR D 153 -2.72 -29.52 9.83
N PHE D 154 -1.43 -29.22 9.89
CA PHE D 154 -0.48 -30.30 9.83
C PHE D 154 0.83 -29.89 10.47
N ILE D 155 1.91 -30.54 10.00
CA ILE D 155 3.26 -30.27 10.47
C ILE D 155 4.24 -30.51 9.36
N PRO D 156 5.12 -29.53 9.13
CA PRO D 156 6.12 -29.66 8.08
C PRO D 156 6.98 -30.89 8.29
N SER D 157 7.49 -31.41 7.20
CA SER D 157 8.34 -32.57 7.24
C SER D 157 9.32 -32.42 6.10
N ASP D 158 10.59 -32.69 6.37
CA ASP D 158 11.63 -32.58 5.35
C ASP D 158 11.20 -33.32 4.09
N ASP D 159 10.58 -34.47 4.28
CA ASP D 159 10.12 -35.29 3.17
C ASP D 159 8.76 -34.87 2.64
N ASP D 160 7.70 -35.19 3.39
CA ASP D 160 6.31 -34.84 3.04
C ASP D 160 5.96 -33.87 1.88
N ILE D 161 4.98 -34.26 1.04
CA ILE D 161 4.52 -33.41 -0.07
C ILE D 161 3.00 -33.38 -0.03
N TYR D 162 2.41 -32.23 -0.34
CA TYR D 162 0.96 -32.12 -0.33
C TYR D 162 0.41 -31.54 -1.62
N ASP D 163 -0.87 -31.81 -1.86
CA ASP D 163 -1.55 -31.33 -3.07
C ASP D 163 -3.00 -31.04 -2.73
N CYS D 164 -3.56 -30.05 -3.40
CA CYS D 164 -4.95 -29.73 -3.16
C CYS D 164 -5.79 -30.14 -4.34
N LYS D 165 -6.58 -31.17 -4.15
CA LYS D 165 -7.42 -31.70 -5.22
C LYS D 165 -8.70 -30.92 -5.38
N VAL D 166 -8.93 -30.47 -6.60
CA VAL D 166 -10.13 -29.70 -6.92
C VAL D 166 -10.96 -30.34 -8.04
N GLU D 167 -12.18 -30.75 -7.68
CA GLU D 167 -13.12 -31.39 -8.62
C GLU D 167 -14.29 -30.46 -8.88
N HIS D 168 -14.73 -30.40 -10.13
CA HIS D 168 -15.85 -29.55 -10.50
C HIS D 168 -16.34 -29.96 -11.89
N TRP D 169 -17.61 -29.67 -12.16
CA TRP D 169 -18.17 -30.01 -13.47
C TRP D 169 -17.51 -29.11 -14.48
N GLY D 170 -16.83 -28.08 -13.98
CA GLY D 170 -16.17 -27.14 -14.86
C GLY D 170 -14.78 -27.57 -15.26
N LEU D 171 -14.49 -28.84 -14.98
CA LEU D 171 -13.18 -29.41 -15.26
C LEU D 171 -13.29 -30.85 -15.75
N GLU D 172 -12.74 -31.12 -16.93
CA GLU D 172 -12.73 -32.45 -17.54
C GLU D 172 -12.03 -33.45 -16.62
N GLU D 173 -10.82 -33.10 -16.20
CA GLU D 173 -10.04 -33.93 -15.30
C GLU D 173 -9.55 -33.06 -14.15
N PRO D 174 -9.70 -33.54 -12.90
CA PRO D 174 -9.30 -32.84 -11.68
C PRO D 174 -8.08 -31.92 -11.76
N VAL D 175 -8.11 -30.85 -10.96
CA VAL D 175 -7.01 -29.88 -10.89
C VAL D 175 -6.23 -30.15 -9.64
N LEU D 176 -4.91 -30.02 -9.71
CA LEU D 176 -4.09 -30.27 -8.54
C LEU D 176 -3.01 -29.24 -8.33
N LYS D 177 -3.13 -28.53 -7.22
CA LYS D 177 -2.13 -27.56 -6.90
C LYS D 177 -1.16 -28.27 -5.98
N HIS D 178 0.10 -28.28 -6.37
CA HIS D 178 1.09 -28.95 -5.55
C HIS D 178 1.77 -27.95 -4.66
N TRP D 179 2.31 -28.45 -3.57
CA TRP D 179 2.99 -27.61 -2.61
C TRP D 179 3.81 -28.43 -1.64
N GLU D 180 4.96 -27.87 -1.30
CA GLU D 180 5.83 -28.51 -0.34
C GLU D 180 6.83 -27.46 0.12
N PRO D 181 7.53 -27.74 1.22
CA PRO D 181 8.52 -26.81 1.76
C PRO D 181 9.83 -26.87 1.00
N GLU D 182 10.41 -25.71 0.74
CA GLU D 182 11.68 -25.62 0.03
C GLU D 182 12.73 -26.21 0.95
N GLU E 1 -23.96 -32.19 -18.33
CA GLU E 1 -24.99 -32.24 -17.24
C GLU E 1 -25.77 -30.93 -17.13
N ARG E 2 -27.09 -31.06 -16.93
CA ARG E 2 -28.00 -29.91 -16.78
C ARG E 2 -28.06 -29.36 -15.36
N HIS E 3 -27.98 -28.04 -15.22
CA HIS E 3 -28.03 -27.39 -13.89
C HIS E 3 -28.54 -25.95 -13.93
N PHE E 4 -29.29 -25.56 -12.90
CA PHE E 4 -29.85 -24.21 -12.79
C PHE E 4 -29.60 -23.66 -11.40
N VAL E 5 -29.27 -22.37 -11.34
CA VAL E 5 -28.95 -21.70 -10.08
C VAL E 5 -29.56 -20.31 -9.98
N HIS E 6 -29.87 -19.91 -8.75
CA HIS E 6 -30.42 -18.59 -8.51
C HIS E 6 -29.82 -18.09 -7.20
N GLN E 7 -29.41 -16.82 -7.17
CA GLN E 7 -28.80 -16.24 -5.98
C GLN E 7 -29.53 -14.99 -5.52
N PHE E 8 -29.36 -14.70 -4.24
CA PHE E 8 -29.92 -13.50 -3.65
C PHE E 8 -28.85 -12.88 -2.78
N LYS E 9 -28.48 -11.64 -3.10
CA LYS E 9 -27.47 -10.94 -2.34
C LYS E 9 -28.05 -9.68 -1.73
N GLY E 10 -27.84 -9.54 -0.42
CA GLY E 10 -28.28 -8.37 0.31
C GLY E 10 -27.03 -7.70 0.88
N GLU E 11 -26.66 -6.54 0.32
CA GLU E 11 -25.46 -5.82 0.77
C GLU E 11 -25.69 -4.44 1.41
N CYS E 12 -25.09 -4.22 2.59
CA CYS E 12 -25.17 -2.97 3.35
C CYS E 12 -23.83 -2.19 3.32
N TYR E 13 -23.84 -0.96 2.80
CA TYR E 13 -22.61 -0.17 2.72
C TYR E 13 -22.52 0.98 3.71
N PHE E 14 -21.44 1.03 4.48
CA PHE E 14 -21.28 2.07 5.50
C PHE E 14 -19.98 2.87 5.38
N THR E 15 -20.13 4.18 5.30
CA THR E 15 -18.99 5.10 5.23
C THR E 15 -19.06 5.98 6.49
N ASN E 16 -17.91 6.21 7.12
CA ASN E 16 -17.87 7.00 8.34
C ASN E 16 -18.92 6.51 9.33
N GLY E 17 -18.68 5.34 9.91
CA GLY E 17 -19.64 4.80 10.86
C GLY E 17 -20.94 4.55 10.12
N THR E 18 -22.05 5.03 10.69
CA THR E 18 -23.35 4.83 10.08
C THR E 18 -23.86 6.16 9.53
N GLN E 19 -23.00 7.17 9.56
CA GLN E 19 -23.39 8.48 9.08
C GLN E 19 -23.46 8.50 7.53
N ARG E 20 -23.84 7.37 6.96
CA ARG E 20 -23.95 7.20 5.52
C ARG E 20 -24.15 5.71 5.26
N ILE E 21 -25.40 5.31 5.03
CA ILE E 21 -25.72 3.90 4.78
C ILE E 21 -26.41 3.70 3.43
N ARG E 22 -25.92 2.71 2.70
CA ARG E 22 -26.48 2.37 1.41
C ARG E 22 -26.84 0.88 1.44
N LEU E 23 -27.94 0.53 0.81
CA LEU E 23 -28.42 -0.84 0.79
C LEU E 23 -28.68 -1.34 -0.62
N VAL E 24 -28.06 -2.45 -0.95
CA VAL E 24 -28.27 -3.01 -2.27
C VAL E 24 -28.60 -4.49 -2.21
N THR E 25 -29.67 -4.84 -2.89
CA THR E 25 -30.07 -6.22 -2.97
C THR E 25 -30.11 -6.46 -4.45
N ARG E 26 -29.69 -7.67 -4.83
CA ARG E 26 -29.68 -8.09 -6.21
C ARG E 26 -30.33 -9.46 -6.25
N TYR E 27 -31.05 -9.73 -7.33
CA TYR E 27 -31.70 -11.00 -7.52
C TYR E 27 -31.00 -11.57 -8.75
N ILE E 28 -30.44 -12.77 -8.62
CA ILE E 28 -29.70 -13.34 -9.73
C ILE E 28 -30.09 -14.73 -10.22
N TYR E 29 -30.11 -14.87 -11.55
CA TYR E 29 -30.40 -16.15 -12.17
C TYR E 29 -29.08 -16.57 -12.78
N ASN E 30 -28.55 -17.69 -12.30
CA ASN E 30 -27.25 -18.18 -12.75
C ASN E 30 -26.25 -17.09 -12.38
N ARG E 31 -25.81 -16.30 -13.37
CA ARG E 31 -24.87 -15.21 -13.14
C ARG E 31 -25.43 -13.90 -13.69
N GLU E 32 -26.75 -13.84 -13.80
CA GLU E 32 -27.40 -12.66 -14.32
C GLU E 32 -28.22 -11.97 -13.26
N GLU E 33 -27.90 -10.70 -13.05
CA GLU E 33 -28.62 -9.89 -12.09
C GLU E 33 -29.70 -9.18 -12.89
N TYR E 34 -30.94 -9.66 -12.76
CA TYR E 34 -32.05 -9.06 -13.49
C TYR E 34 -32.78 -7.96 -12.69
N LEU E 35 -32.93 -8.15 -11.38
CA LEU E 35 -33.59 -7.19 -10.49
C LEU E 35 -32.63 -6.58 -9.47
N ARG E 36 -32.92 -5.37 -8.99
CA ARG E 36 -32.04 -4.72 -8.00
C ARG E 36 -32.62 -3.54 -7.20
N PHE E 37 -32.26 -3.46 -5.92
CA PHE E 37 -32.71 -2.38 -5.06
C PHE E 37 -31.55 -1.57 -4.48
N ASP E 38 -31.58 -0.26 -4.70
CA ASP E 38 -30.54 0.61 -4.20
C ASP E 38 -31.15 1.78 -3.41
N SER E 39 -30.63 2.01 -2.21
CA SER E 39 -31.10 3.09 -1.34
C SER E 39 -31.04 4.42 -2.08
N ASP E 40 -29.88 4.68 -2.66
CA ASP E 40 -29.66 5.88 -3.44
C ASP E 40 -30.75 5.97 -4.51
N VAL E 41 -31.02 4.85 -5.19
CA VAL E 41 -32.06 4.83 -6.22
C VAL E 41 -33.37 5.15 -5.52
N GLY E 42 -33.91 4.17 -4.80
CA GLY E 42 -35.15 4.35 -4.10
C GLY E 42 -36.11 3.20 -4.27
N GLU E 43 -36.25 2.70 -5.48
CA GLU E 43 -37.16 1.60 -5.77
C GLU E 43 -36.47 0.41 -6.41
N TYR E 44 -37.22 -0.68 -6.61
CA TYR E 44 -36.67 -1.86 -7.27
C TYR E 44 -36.53 -1.50 -8.75
N ARG E 45 -35.53 -2.09 -9.41
CA ARG E 45 -35.28 -1.83 -10.81
C ARG E 45 -34.88 -3.09 -11.58
N ALA E 46 -35.17 -3.07 -12.88
CA ALA E 46 -34.85 -4.17 -13.78
C ALA E 46 -33.44 -3.90 -14.29
N VAL E 47 -32.57 -4.91 -14.23
CA VAL E 47 -31.21 -4.74 -14.69
C VAL E 47 -31.06 -5.34 -16.08
N THR E 48 -31.76 -6.45 -16.27
CA THR E 48 -31.73 -7.12 -17.55
C THR E 48 -33.17 -7.32 -18.01
N GLU E 49 -33.39 -8.31 -18.86
CA GLU E 49 -34.72 -8.63 -19.38
C GLU E 49 -35.56 -9.34 -18.36
N LEU E 50 -35.09 -10.50 -17.92
CA LEU E 50 -35.80 -11.30 -16.95
C LEU E 50 -36.43 -10.48 -15.83
N GLY E 51 -35.86 -9.32 -15.56
CA GLY E 51 -36.40 -8.49 -14.50
C GLY E 51 -37.41 -7.46 -14.93
N ARG E 52 -37.52 -7.21 -16.23
CA ARG E 52 -38.45 -6.20 -16.77
C ARG E 52 -39.74 -5.97 -15.95
N HIS E 53 -40.59 -6.99 -15.83
CA HIS E 53 -41.83 -6.82 -15.07
C HIS E 53 -41.67 -7.18 -13.58
N SER E 54 -40.58 -7.86 -13.24
CA SER E 54 -40.31 -8.25 -11.85
C SER E 54 -40.24 -6.98 -11.01
N ALA E 55 -39.72 -5.92 -11.61
CA ALA E 55 -39.61 -4.64 -10.90
C ALA E 55 -40.99 -4.20 -10.41
N GLU E 56 -41.83 -3.78 -11.37
CA GLU E 56 -43.20 -3.28 -11.13
C GLU E 56 -43.95 -4.01 -9.99
N TYR E 57 -43.69 -5.31 -9.90
CA TYR E 57 -44.31 -6.17 -8.91
C TYR E 57 -43.73 -5.97 -7.51
N TYR E 58 -42.39 -6.02 -7.41
CA TYR E 58 -41.69 -5.85 -6.15
C TYR E 58 -41.94 -4.52 -5.47
N ASN E 59 -42.20 -3.47 -6.25
CA ASN E 59 -42.48 -2.16 -5.66
C ASN E 59 -43.91 -2.16 -5.11
N LYS E 60 -44.86 -2.46 -5.99
CA LYS E 60 -46.26 -2.53 -5.62
C LYS E 60 -46.44 -3.40 -4.39
N GLN E 61 -45.51 -4.36 -4.23
CA GLN E 61 -45.55 -5.31 -3.15
C GLN E 61 -44.66 -5.13 -1.92
N TYR E 62 -43.37 -4.89 -2.15
CA TYR E 62 -42.43 -4.78 -1.04
C TYR E 62 -41.80 -3.41 -0.79
N LEU E 63 -41.67 -2.60 -1.83
CA LEU E 63 -41.05 -1.27 -1.72
C LEU E 63 -41.02 -0.66 -0.29
N GLU E 64 -42.20 -0.47 0.31
CA GLU E 64 -42.29 0.08 1.65
C GLU E 64 -41.34 -0.66 2.58
N ARG E 65 -41.70 -1.91 2.90
CA ARG E 65 -40.90 -2.74 3.77
C ARG E 65 -39.41 -2.68 3.41
N THR E 66 -39.09 -2.84 2.13
CA THR E 66 -37.71 -2.81 1.66
C THR E 66 -36.97 -1.54 2.06
N ARG E 67 -37.58 -0.39 1.77
CA ARG E 67 -36.99 0.91 2.11
C ARG E 67 -36.73 1.01 3.62
N ALA E 68 -37.41 0.14 4.38
CA ALA E 68 -37.30 0.13 5.83
C ALA E 68 -36.21 -0.78 6.38
N GLU E 69 -35.78 -1.75 5.58
CA GLU E 69 -34.72 -2.70 6.01
C GLU E 69 -33.40 -1.97 6.19
N LEU E 70 -33.26 -0.83 5.52
CA LEU E 70 -32.04 -0.05 5.62
C LEU E 70 -31.71 0.29 7.06
N ASP E 71 -32.67 0.11 7.97
CA ASP E 71 -32.44 0.41 9.37
C ASP E 71 -32.58 -0.84 10.19
N THR E 72 -33.75 -1.46 10.07
CA THR E 72 -34.05 -2.68 10.81
C THR E 72 -32.90 -3.65 10.62
N ALA E 73 -32.30 -3.62 9.44
CA ALA E 73 -31.19 -4.51 9.09
C ALA E 73 -29.80 -3.86 9.04
N CYS E 74 -29.57 -2.95 8.11
CA CYS E 74 -28.25 -2.35 8.04
C CYS E 74 -27.86 -1.52 9.28
N ARG E 75 -28.51 -0.38 9.49
CA ARG E 75 -28.22 0.49 10.64
C ARG E 75 -28.18 -0.32 11.92
N HIS E 76 -29.23 -1.10 12.14
CA HIS E 76 -29.32 -1.95 13.32
C HIS E 76 -28.02 -2.73 13.49
N ASN E 77 -27.85 -3.78 12.68
CA ASN E 77 -26.67 -4.64 12.69
C ASN E 77 -25.38 -3.92 13.06
N TYR E 78 -24.98 -2.98 12.23
CA TYR E 78 -23.75 -2.24 12.50
C TYR E 78 -23.73 -1.72 13.94
N GLU E 79 -24.58 -0.73 14.20
CA GLU E 79 -24.68 -0.09 15.50
C GLU E 79 -24.93 -1.02 16.65
N GLU E 80 -25.72 -2.04 16.43
CA GLU E 80 -26.03 -2.96 17.50
C GLU E 80 -25.19 -4.19 17.59
N THR E 81 -24.67 -4.68 16.47
CA THR E 81 -23.86 -5.90 16.52
C THR E 81 -22.40 -5.80 16.09
N GLU E 82 -22.14 -5.03 15.05
CA GLU E 82 -20.78 -4.93 14.55
C GLU E 82 -19.80 -4.24 15.48
N VAL E 83 -20.24 -3.15 16.12
CA VAL E 83 -19.39 -2.40 17.04
C VAL E 83 -18.83 -3.30 18.14
N PRO E 84 -19.67 -4.14 18.77
CA PRO E 84 -19.20 -5.01 19.83
C PRO E 84 -18.43 -6.23 19.33
N THR E 85 -18.43 -6.47 18.02
CA THR E 85 -17.70 -7.63 17.51
C THR E 85 -16.71 -7.30 16.41
N SER E 86 -17.16 -7.52 15.19
CA SER E 86 -16.37 -7.28 13.99
C SER E 86 -15.45 -6.10 14.15
N LEU E 87 -16.06 -4.94 14.35
CA LEU E 87 -15.31 -3.71 14.48
C LEU E 87 -14.43 -3.62 15.71
N ARG E 88 -14.59 -4.55 16.62
CA ARG E 88 -13.78 -4.55 17.84
C ARG E 88 -12.54 -5.45 17.76
N ARG E 89 -12.65 -6.53 16.97
CA ARG E 89 -11.56 -7.52 16.79
C ARG E 89 -10.17 -6.88 16.59
N LEU E 90 -9.16 -7.43 17.24
CA LEU E 90 -7.82 -6.87 17.15
C LEU E 90 -6.74 -7.93 17.27
N GLU E 91 -6.36 -8.53 16.17
CA GLU E 91 -5.34 -9.56 16.19
C GLU E 91 -3.95 -9.06 15.93
N GLN E 92 -3.13 -9.05 16.97
CA GLN E 92 -1.75 -8.63 16.85
C GLN E 92 -1.06 -9.49 15.78
N PRO E 93 0.02 -8.99 15.17
CA PRO E 93 0.69 -9.80 14.14
C PRO E 93 1.87 -10.61 14.60
N ASN E 94 2.55 -11.19 13.63
CA ASN E 94 3.72 -11.98 13.93
C ASN E 94 4.76 -11.55 12.95
N VAL E 95 5.93 -11.21 13.44
CA VAL E 95 6.97 -10.76 12.56
C VAL E 95 8.18 -11.67 12.55
N ALA E 96 8.58 -12.09 11.36
CA ALA E 96 9.75 -12.95 11.16
C ALA E 96 10.46 -12.56 9.88
N ILE E 97 11.78 -12.59 9.93
CA ILE E 97 12.60 -12.25 8.79
C ILE E 97 13.25 -13.52 8.30
N SER E 98 13.20 -13.73 6.99
CA SER E 98 13.80 -14.93 6.42
C SER E 98 14.79 -14.56 5.31
N LEU E 99 15.62 -15.51 4.89
CA LEU E 99 16.58 -15.19 3.82
C LEU E 99 16.25 -15.90 2.52
N SER E 100 16.23 -15.14 1.43
CA SER E 100 15.90 -15.68 0.14
C SER E 100 16.64 -16.97 -0.14
N ARG E 101 17.97 -16.91 -0.09
CA ARG E 101 18.76 -18.11 -0.35
C ARG E 101 19.97 -18.26 0.57
N THR E 102 20.10 -19.47 1.12
CA THR E 102 21.18 -19.88 2.02
C THR E 102 22.41 -18.95 2.04
N GLU E 103 22.66 -18.37 3.21
CA GLU E 103 23.79 -17.46 3.44
C GLU E 103 24.07 -16.50 2.30
N ALA E 104 24.89 -15.49 2.60
CA ALA E 104 25.24 -14.48 1.60
C ALA E 104 26.73 -14.34 1.44
N LEU E 105 27.14 -14.39 0.18
CA LEU E 105 28.53 -14.28 -0.19
C LEU E 105 28.87 -12.79 -0.04
N ASN E 106 27.90 -11.98 -0.44
CA ASN E 106 27.96 -10.54 -0.43
C ASN E 106 27.31 -10.20 -1.76
N HIS E 107 26.43 -11.10 -2.21
CA HIS E 107 25.72 -10.97 -3.49
C HIS E 107 24.29 -10.41 -3.32
N HIS E 108 23.58 -10.24 -4.44
CA HIS E 108 22.22 -9.73 -4.44
C HIS E 108 21.30 -10.77 -3.78
N ASN E 109 20.87 -10.45 -2.56
CA ASN E 109 20.00 -11.33 -1.80
C ASN E 109 18.74 -10.58 -1.42
N THR E 110 17.84 -11.27 -0.74
CA THR E 110 16.59 -10.68 -0.33
C THR E 110 16.04 -11.23 0.96
N LEU E 111 15.73 -10.30 1.86
CA LEU E 111 15.19 -10.59 3.18
C LEU E 111 13.67 -10.53 3.14
N VAL E 112 13.04 -11.51 3.76
CA VAL E 112 11.59 -11.59 3.75
C VAL E 112 10.94 -11.40 5.10
N CYS E 113 10.56 -10.17 5.41
CA CYS E 113 9.88 -9.93 6.66
C CYS E 113 8.52 -10.58 6.45
N SER E 114 8.06 -11.35 7.43
CA SER E 114 6.78 -12.05 7.32
C SER E 114 5.82 -11.63 8.40
N VAL E 115 4.86 -10.79 8.03
CA VAL E 115 3.86 -10.30 8.98
C VAL E 115 2.60 -11.15 8.84
N THR E 116 2.30 -11.93 9.86
CA THR E 116 1.16 -12.82 9.78
C THR E 116 0.13 -12.73 10.87
N ASP E 117 -0.95 -13.44 10.62
CA ASP E 117 -2.07 -13.53 11.56
C ASP E 117 -2.68 -12.24 12.12
N PHE E 118 -2.53 -11.13 11.42
CA PHE E 118 -3.08 -9.89 11.95
C PHE E 118 -4.53 -9.55 11.56
N TYR E 119 -5.05 -8.47 12.16
CA TYR E 119 -6.41 -7.99 11.92
C TYR E 119 -6.77 -6.79 12.77
N PRO E 120 -7.47 -5.80 12.20
CA PRO E 120 -7.91 -5.74 10.80
C PRO E 120 -6.74 -5.73 9.84
N ALA E 121 -6.96 -5.29 8.61
CA ALA E 121 -5.87 -5.29 7.65
C ALA E 121 -5.08 -3.99 7.57
N LYS E 122 -5.46 -2.95 8.31
CA LYS E 122 -4.66 -1.74 8.21
C LYS E 122 -3.30 -2.03 8.83
N ILE E 123 -2.24 -1.84 8.05
CA ILE E 123 -0.91 -2.11 8.54
C ILE E 123 0.20 -1.38 7.79
N LYS E 124 1.31 -1.16 8.47
CA LYS E 124 2.45 -0.49 7.87
C LYS E 124 3.74 -1.22 8.18
N VAL E 125 4.46 -1.57 7.13
CA VAL E 125 5.71 -2.28 7.32
C VAL E 125 6.79 -1.47 6.61
N ARG E 126 8.03 -1.64 7.05
CA ARG E 126 9.13 -0.94 6.42
C ARG E 126 10.49 -1.43 6.89
N TRP E 127 11.39 -1.57 5.94
CA TRP E 127 12.72 -2.01 6.27
C TRP E 127 13.61 -0.84 6.63
N PHE E 128 14.72 -1.18 7.28
CA PHE E 128 15.69 -0.20 7.71
C PHE E 128 17.10 -0.79 7.57
N ARG E 129 18.06 0.05 7.24
CA ARG E 129 19.44 -0.42 7.16
C ARG E 129 20.19 0.42 8.18
N ASN E 130 20.41 -0.16 9.35
CA ASN E 130 21.11 0.52 10.42
C ASN E 130 20.38 1.81 10.73
N GLY E 131 19.12 1.68 11.12
CA GLY E 131 18.34 2.87 11.46
C GLY E 131 17.97 3.72 10.24
N GLN E 132 18.39 3.28 9.07
CA GLN E 132 18.08 4.02 7.87
C GLN E 132 16.93 3.42 7.08
N GLU E 133 15.95 4.25 6.77
CA GLU E 133 14.80 3.80 6.00
C GLU E 133 15.25 3.24 4.67
N GLU E 134 14.96 1.98 4.40
CA GLU E 134 15.30 1.43 3.10
C GLU E 134 14.16 1.84 2.15
N THR E 135 14.50 2.76 1.26
CA THR E 135 13.59 3.35 0.30
C THR E 135 13.30 2.47 -0.91
N VAL E 136 14.37 1.93 -1.47
CA VAL E 136 14.25 1.11 -2.65
C VAL E 136 14.72 -0.30 -2.37
N GLY E 137 14.13 -1.24 -3.10
CA GLY E 137 14.47 -2.64 -2.94
C GLY E 137 13.32 -3.36 -2.28
N VAL E 138 12.47 -2.59 -1.62
CA VAL E 138 11.31 -3.14 -0.94
C VAL E 138 10.24 -3.43 -1.94
N SER E 139 9.36 -4.34 -1.59
CA SER E 139 8.26 -4.72 -2.44
C SER E 139 7.50 -5.67 -1.57
N SER E 140 6.18 -5.70 -1.70
CA SER E 140 5.40 -6.59 -0.85
C SER E 140 4.30 -7.24 -1.64
N THR E 141 3.77 -8.34 -1.10
CA THR E 141 2.71 -9.10 -1.75
C THR E 141 1.42 -8.35 -1.58
N GLN E 142 0.48 -8.53 -2.48
CA GLN E 142 -0.78 -7.85 -2.28
C GLN E 142 -1.40 -8.64 -1.16
N LEU E 143 -1.46 -7.97 -0.01
CA LEU E 143 -2.00 -8.47 1.24
C LEU E 143 -2.95 -9.67 1.13
N ILE E 144 -2.64 -10.73 1.87
CA ILE E 144 -3.43 -11.95 1.85
C ILE E 144 -4.50 -12.08 2.93
N ARG E 145 -5.69 -12.53 2.54
CA ARG E 145 -6.80 -12.72 3.47
C ARG E 145 -7.02 -14.21 3.72
N ASN E 146 -6.56 -14.66 4.87
CA ASN E 146 -6.65 -16.06 5.25
C ASN E 146 -8.04 -16.68 5.31
N GLY E 147 -9.07 -15.86 5.47
CA GLY E 147 -10.43 -16.39 5.53
C GLY E 147 -10.87 -16.72 6.93
N ASP E 148 -9.89 -16.98 7.80
CA ASP E 148 -10.17 -17.30 9.20
C ASP E 148 -10.20 -16.02 10.00
N TRP E 149 -10.38 -14.90 9.32
CA TRP E 149 -10.43 -13.57 9.91
C TRP E 149 -9.05 -13.08 10.34
N THR E 150 -8.05 -13.36 9.49
CA THR E 150 -6.69 -12.91 9.74
C THR E 150 -6.05 -12.73 8.37
N PHE E 151 -5.08 -11.81 8.32
CA PHE E 151 -4.34 -11.49 7.10
C PHE E 151 -2.87 -11.74 7.35
N GLN E 152 -2.10 -11.70 6.27
CA GLN E 152 -0.67 -11.89 6.37
C GLN E 152 -0.13 -11.04 5.25
N VAL E 153 1.17 -10.95 5.13
CA VAL E 153 1.79 -10.16 4.07
C VAL E 153 3.32 -10.31 4.16
N LEU E 154 3.97 -10.37 3.00
CA LEU E 154 5.41 -10.52 3.02
C LEU E 154 6.06 -9.32 2.40
N VAL E 155 7.07 -8.79 3.08
CA VAL E 155 7.76 -7.65 2.56
C VAL E 155 9.21 -8.03 2.32
N MET E 156 9.59 -8.09 1.05
CA MET E 156 10.95 -8.47 0.67
C MET E 156 11.90 -7.29 0.55
N LEU E 157 13.20 -7.55 0.72
CA LEU E 157 14.21 -6.52 0.59
C LEU E 157 15.42 -6.95 -0.23
N GLU E 158 15.55 -6.41 -1.42
CA GLU E 158 16.69 -6.70 -2.27
C GLU E 158 17.85 -5.99 -1.60
N MET E 159 18.92 -6.71 -1.34
CA MET E 159 20.08 -6.11 -0.70
C MET E 159 21.34 -6.96 -0.78
N THR E 160 22.49 -6.28 -0.64
CA THR E 160 23.81 -6.89 -0.67
C THR E 160 24.43 -6.72 0.73
N PRO E 161 24.49 -7.81 1.50
CA PRO E 161 25.03 -7.81 2.85
C PRO E 161 26.54 -7.72 2.94
N HIS E 162 27.01 -6.86 3.85
CA HIS E 162 28.43 -6.69 4.10
C HIS E 162 28.58 -7.29 5.48
N GLN E 163 29.32 -6.65 6.37
CA GLN E 163 29.46 -7.20 7.72
C GLN E 163 29.33 -6.10 8.75
N GLY E 164 28.58 -6.41 9.82
CA GLY E 164 28.34 -5.45 10.86
C GLY E 164 27.06 -4.71 10.52
N GLU E 165 26.46 -5.12 9.39
CA GLU E 165 25.22 -4.52 8.91
C GLU E 165 24.00 -5.07 9.63
N VAL E 166 23.07 -4.16 9.92
CA VAL E 166 21.83 -4.50 10.61
C VAL E 166 20.62 -4.11 9.76
N TYR E 167 19.72 -5.06 9.63
CA TYR E 167 18.49 -4.89 8.87
C TYR E 167 17.33 -5.18 9.82
N THR E 168 16.49 -4.16 10.02
CA THR E 168 15.36 -4.22 10.91
C THR E 168 14.06 -4.14 10.16
N CYS E 169 13.06 -4.85 10.64
CA CYS E 169 11.81 -4.81 9.97
C CYS E 169 10.75 -4.15 10.83
N HIS E 170 10.59 -2.85 10.66
CA HIS E 170 9.61 -2.07 11.42
C HIS E 170 8.17 -2.43 11.05
N VAL E 171 7.37 -2.84 12.02
CA VAL E 171 5.97 -3.21 11.76
C VAL E 171 4.97 -2.47 12.66
N GLU E 172 4.11 -1.65 12.05
CA GLU E 172 3.10 -0.88 12.80
C GLU E 172 1.69 -1.36 12.48
N HIS E 173 0.82 -1.33 13.48
CA HIS E 173 -0.53 -1.82 13.26
C HIS E 173 -1.39 -1.33 14.45
N PRO E 174 -2.71 -1.18 14.23
CA PRO E 174 -3.63 -0.72 15.26
C PRO E 174 -3.62 -1.55 16.51
N SER E 175 -3.38 -2.85 16.35
CA SER E 175 -3.39 -3.79 17.48
C SER E 175 -2.27 -3.55 18.47
N LEU E 176 -1.19 -2.94 17.98
CA LEU E 176 -0.02 -2.68 18.80
C LEU E 176 0.15 -1.27 19.32
N LYS E 177 0.46 -1.18 20.60
CA LYS E 177 0.71 0.08 21.26
C LYS E 177 2.02 0.61 20.65
N SER E 178 3.06 -0.22 20.73
CA SER E 178 4.41 0.04 20.24
C SER E 178 4.71 -0.86 19.04
N PRO E 179 5.46 -0.35 18.06
CA PRO E 179 5.81 -1.10 16.85
C PRO E 179 6.78 -2.22 17.06
N ILE E 180 6.47 -3.36 16.48
CA ILE E 180 7.35 -4.51 16.57
C ILE E 180 8.54 -4.23 15.69
N THR E 181 9.74 -4.55 16.15
CA THR E 181 10.90 -4.39 15.29
C THR E 181 11.57 -5.74 15.32
N VAL E 182 12.04 -6.20 14.17
CA VAL E 182 12.73 -7.46 14.11
C VAL E 182 14.04 -7.24 13.37
N GLU E 183 15.15 -7.47 14.09
CA GLU E 183 16.50 -7.28 13.56
C GLU E 183 17.09 -8.52 12.89
N TRP E 184 18.08 -8.30 12.03
CA TRP E 184 18.74 -9.38 11.32
C TRP E 184 20.17 -9.04 10.98
N ARG E 185 21.11 -9.92 11.34
CA ARG E 185 22.52 -9.66 11.09
C ARG E 185 23.29 -10.71 10.30
N ALA E 186 24.25 -10.22 9.52
CA ALA E 186 25.09 -11.05 8.68
C ALA E 186 26.19 -11.78 9.46
N GLN E 187 25.86 -12.30 10.63
CA GLN E 187 26.83 -13.02 11.47
C GLN E 187 27.56 -14.13 10.70
N ALA F 1 -29.85 -10.60 24.27
CA ALA F 1 -29.72 -9.18 23.86
C ALA F 1 -30.05 -8.98 22.38
N MET F 2 -29.43 -7.98 21.76
CA MET F 2 -29.65 -7.70 20.35
C MET F 2 -29.32 -8.93 19.50
N LYS F 3 -29.97 -9.02 18.35
CA LYS F 3 -29.73 -10.13 17.46
C LYS F 3 -29.54 -9.62 16.05
N ARG F 4 -28.75 -10.35 15.28
CA ARG F 4 -28.47 -9.98 13.91
C ARG F 4 -29.69 -10.20 13.03
N HIS F 5 -29.93 -9.25 12.13
CA HIS F 5 -31.06 -9.32 11.22
C HIS F 5 -30.57 -9.63 9.82
N GLY F 6 -31.38 -10.36 9.08
CA GLY F 6 -31.01 -10.72 7.72
C GLY F 6 -32.01 -10.13 6.75
N LEU F 7 -31.50 -9.39 5.78
CA LEU F 7 -32.34 -8.78 4.76
C LEU F 7 -33.31 -9.81 4.17
N ASP F 8 -34.57 -9.42 4.06
CA ASP F 8 -35.60 -10.29 3.56
C ASP F 8 -35.55 -10.54 2.05
N ASN F 9 -35.48 -11.81 1.70
CA ASN F 9 -35.46 -12.20 0.30
C ASN F 9 -36.91 -12.25 -0.13
N TYR F 10 -37.27 -11.36 -1.05
CA TYR F 10 -38.65 -11.28 -1.53
C TYR F 10 -38.98 -12.22 -2.67
N ARG F 11 -40.12 -12.87 -2.54
CA ARG F 11 -40.60 -13.82 -3.54
C ARG F 11 -41.01 -13.15 -4.85
N GLY F 12 -40.94 -13.92 -5.94
CA GLY F 12 -41.35 -13.40 -7.25
C GLY F 12 -42.84 -13.71 -7.43
N TYR F 13 -43.47 -13.11 -8.44
CA TYR F 13 -44.90 -13.36 -8.66
C TYR F 13 -45.19 -14.78 -9.13
N SER F 14 -46.16 -15.40 -8.45
CA SER F 14 -46.56 -16.78 -8.72
C SER F 14 -47.45 -16.92 -9.97
C1 NAG G . 35.93 21.75 26.63
C2 NAG G . 35.18 20.97 27.76
C3 NAG G . 35.24 21.75 29.07
C4 NAG G . 36.71 22.08 29.42
C5 NAG G . 37.34 22.84 28.23
C6 NAG G . 38.80 23.17 28.47
C7 NAG G . 33.44 20.41 26.17
C8 NAG G . 32.79 21.48 25.32
N2 NAG G . 33.79 20.76 27.41
O3 NAG G . 34.65 20.99 30.13
O4 NAG G . 36.77 22.86 30.60
O5 NAG G . 37.28 22.03 27.04
O6 NAG G . 39.55 22.01 28.78
O7 NAG G . 33.63 19.28 25.71
C1 NAG H . 35.28 15.54 -5.85
C2 NAG H . 35.88 14.12 -5.79
C3 NAG H . 37.39 14.19 -5.46
C4 NAG H . 38.12 15.15 -6.41
C5 NAG H . 37.41 16.51 -6.40
C6 NAG H . 38.05 17.47 -7.40
C7 NAG H . 35.69 13.22 -3.56
C8 NAG H . 36.50 11.96 -3.27
N2 NAG H . 35.19 13.34 -4.78
O3 NAG H . 37.97 12.91 -5.55
O4 NAG H . 39.47 15.32 -6.02
O5 NAG H . 36.02 16.36 -6.78
O6 NAG H . 38.31 16.83 -8.64
O7 NAG H . 35.51 14.05 -2.66
C1 NAG I . -10.84 19.91 9.29
C2 NAG I . -11.34 18.60 9.98
C3 NAG I . -12.37 18.73 11.19
C4 NAG I . -13.09 20.09 11.29
C5 NAG I . -12.97 20.84 9.96
C6 NAG I . -13.70 22.17 9.91
C7 NAG I . -11.46 17.72 7.71
C8 NAG I . -12.14 18.68 6.73
N2 NAG I . -11.91 17.70 8.97
O3 NAG I . -11.72 18.47 12.42
O4 NAG I . -14.46 19.89 11.63
O5 NAG I . -11.56 21.09 9.72
O6 NAG I . -13.89 22.59 8.57
O7 NAG I . -10.53 17.02 7.32
C1 NAG J . -38.44 -18.21 -24.80
C2 NAG J . -38.05 -16.89 -25.50
C3 NAG J . -39.25 -16.43 -26.33
C4 NAG J . -39.67 -17.52 -27.32
C5 NAG J . -39.93 -18.86 -26.57
C6 NAG J . -40.20 -20.03 -27.52
C7 NAG J . -36.70 -16.09 -23.65
C8 NAG J . -36.84 -15.40 -22.29
N2 NAG J . -37.66 -15.88 -24.54
O3 NAG J . -38.92 -15.25 -27.04
O4 NAG J . -40.86 -17.11 -27.99
O5 NAG J . -38.77 -19.21 -25.78
O6 NAG J . -39.09 -20.89 -27.64
O7 NAG J . -35.71 -16.80 -23.87
C1 NAG K . -17.98 -34.61 -4.54
C2 NAG K . -17.15 -34.83 -5.78
C3 NAG K . -17.64 -36.08 -6.53
C4 NAG K . -17.72 -37.28 -5.58
C5 NAG K . -18.40 -36.95 -4.24
C6 NAG K . -18.09 -38.04 -3.22
C7 NAG K . -17.67 -33.77 -7.89
C8 NAG K . -16.67 -33.67 -9.03
N2 NAG K . -17.21 -33.66 -6.65
O3 NAG K . -16.74 -36.37 -7.59
O4 NAG K . -18.44 -38.34 -6.22
O5 NAG K . -17.88 -35.73 -3.66
O6 NAG K . -16.74 -37.95 -2.79
O7 NAG K . -18.87 -33.95 -8.14
C1 NAG L . -18.28 11.79 9.46
C2 NAG L . -18.38 12.72 8.21
C3 NAG L . -18.41 14.26 8.49
C4 NAG L . -18.54 14.73 9.97
C5 NAG L . -18.19 13.62 10.99
C6 NAG L . -18.57 13.97 12.42
C7 NAG L . -16.58 11.33 7.26
C8 NAG L . -15.40 11.26 8.22
N2 NAG L . -17.31 12.46 7.25
O3 NAG L . -19.47 14.85 7.74
O4 NAG L . -17.69 15.87 10.20
O5 NAG L . -18.88 12.40 10.63
O6 NAG L . -17.80 15.06 12.92
O7 NAG L . -16.80 10.37 6.50
#